data_5IFW
#
_entry.id   5IFW
#
_cell.length_a   143.344
_cell.length_b   208.361
_cell.length_c   99.129
_cell.angle_alpha   90.00
_cell.angle_beta   90.00
_cell.angle_gamma   90.00
#
_symmetry.space_group_name_H-M   'C 2 2 2'
#
loop_
_entity.id
_entity.type
_entity.pdbx_description
1 polymer 'Tether containing UBX domain for GLUT4'
2 polymer 'Transitional endoplasmic reticulum ATPase'
3 non-polymer "ADENOSINE-5'-DIPHOSPHATE"
4 water water
#
loop_
_entity_poly.entity_id
_entity_poly.type
_entity_poly.pdbx_seq_one_letter_code
_entity_poly.pdbx_strand_id
1 'polypeptide(L)'
;PVDREPVVCHPDLEERLQAWPAELPDEFFELTVDDVRRRLAQLKSERKRLEEAPLVTKAFREAQIKEKLERYPKVALRVL
FPDRYVLQGFFRPSETVGDLRDFVRSHLGNPELSFYLFITPPKTVLDDHTQTLFQANLFPAALVHLGAEEPAGVYLEPGL
LEHAISPSAADVLVARYMSRAAGSPSPL
;
A
2 'polypeptide(L)'
;GSASGADSKGDDLSTAILKQKNRPNRLIVDEAINEDNSVVSLSQPKMDELQLFRGDTVLLKGKKRREAVCIVLSDDTCSD
EKIRMNRVVRNNLRVRLGDVISIQPCPDVKYGKRIHVLPIDDTVEGITGNLFEVYLKPYFLEAYRPIRKGDIFLVRGGMR
AVEFKVVETDPSPYCIVAPDTVIHCEGEPIKREDEEESLNEVGYDDIGGCRKQLAQIKEMVELPLRHPALFKAIGVKPPR
GILLYGPPGTGKTLIARAVANETGAFFFLINGPEIMSKLAGESESNLRKAFEEAEKNAPAIIFIDELDAIAPKREKTHGE
VERRIVSQLLTLMDGLKQRAHVIVMAATNRPNSIDPALRRFGRFDREVDIGIPDATGRLEILQIHTKNMKLADDVDLEQV
ANETHGHVGADLAALCSEAALQAIRKKMDLIDLEDETIDAEVMNSLAVTMDDFRWALSQSNPSALRETVVEVPQVTWEDI
GGLEDVKRELQELVQYPVEHPDKFLKFGMTPSKGVLFYGPPGCGKTLLAKAIANECQANFISIKGPELLTMWFGESEANV
REIFDKARQAAPCVLFFDELDSIAKARGGNIGDGGGAADRVINQILTEMDGMSTKKNVFIIGATNRPDIIDPAILRPGRL
DQLIYIPLPDEKSRVAILKANLRKSPVAKDVDLEFLAKMTNGFSGADLTEICQRACKLAIRESIESEIRRERERQTNPSA
MEVEEDDPVPEIRRDHFEEAMRFARRSVSDNDIRKYEMFAQTLQQSRGFGSFRFPSGNQGGAGPSQGSGGGTGGSVYTED
NDDDLYG
;
B
#
loop_
_chem_comp.id
_chem_comp.type
_chem_comp.name
_chem_comp.formula
ADP non-polymer ADENOSINE-5'-DIPHOSPHATE 'C10 H15 N5 O10 P2'
#
# COMPACT_ATOMS: atom_id res chain seq x y z
N PRO A 1 -25.73 9.41 42.47
CA PRO A 1 -24.66 8.45 42.69
C PRO A 1 -23.34 9.10 43.14
N VAL A 2 -22.53 9.54 42.19
CA VAL A 2 -21.19 10.07 42.46
C VAL A 2 -21.21 11.51 43.01
N ASP A 3 -20.15 11.90 43.72
CA ASP A 3 -19.95 13.30 44.08
C ASP A 3 -19.09 14.00 43.02
N ARG A 4 -19.67 15.02 42.39
CA ARG A 4 -18.96 15.74 41.34
C ARG A 4 -17.72 16.43 41.91
N GLU A 5 -17.89 17.03 43.09
CA GLU A 5 -16.81 17.77 43.76
C GLU A 5 -16.16 18.76 42.80
N PRO A 6 -16.92 19.78 42.40
CA PRO A 6 -16.46 20.71 41.37
C PRO A 6 -15.48 21.75 41.89
N VAL A 7 -14.59 22.20 41.00
CA VAL A 7 -13.67 23.30 41.29
C VAL A 7 -13.39 24.06 40.00
N VAL A 8 -12.88 25.28 40.13
CA VAL A 8 -12.57 26.10 38.97
C VAL A 8 -11.16 26.67 39.08
N CYS A 9 -10.38 26.54 38.00
CA CYS A 9 -9.02 27.05 37.99
C CYS A 9 -8.75 27.91 36.76
N HIS A 10 -7.81 28.85 36.90
CA HIS A 10 -7.42 29.72 35.80
C HIS A 10 -5.92 29.94 35.85
N PRO A 11 -5.26 30.01 34.68
CA PRO A 11 -3.81 30.22 34.58
C PRO A 11 -3.32 31.46 35.33
N ASP A 12 -4.15 32.49 35.42
CA ASP A 12 -3.80 33.71 36.14
C ASP A 12 -3.67 33.43 37.64
N LEU A 13 -4.59 32.62 38.17
CA LEU A 13 -4.64 32.32 39.59
C LEU A 13 -3.48 31.44 40.04
N GLU A 14 -2.87 30.75 39.08
CA GLU A 14 -1.63 30.03 39.33
C GLU A 14 -0.62 31.05 39.83
N GLU A 15 0.12 30.70 40.88
CA GLU A 15 1.07 31.63 41.49
C GLU A 15 2.05 32.18 40.46
N ARG A 16 2.54 31.29 39.60
CA ARG A 16 3.44 31.65 38.50
C ARG A 16 4.69 32.37 39.01
N LEU A 17 5.04 32.11 40.26
CA LEU A 17 6.24 32.65 40.87
C LEU A 17 7.38 31.63 40.82
N GLN A 18 7.06 30.46 40.26
CA GLN A 18 7.98 29.33 40.23
C GLN A 18 9.33 29.67 39.60
N ALA A 19 10.40 29.14 40.18
CA ALA A 19 11.74 29.29 39.63
C ALA A 19 11.80 28.63 38.25
N TRP A 20 12.66 29.16 37.40
CA TRP A 20 12.81 28.62 36.05
C TRP A 20 13.35 27.20 36.08
N PRO A 21 12.78 26.32 35.24
CA PRO A 21 13.34 24.97 35.09
C PRO A 21 14.75 25.09 34.53
N ALA A 22 15.70 24.39 35.14
CA ALA A 22 17.10 24.50 34.72
C ALA A 22 17.25 24.10 33.26
N GLU A 23 17.86 24.98 32.47
CA GLU A 23 18.15 24.68 31.07
C GLU A 23 19.12 23.51 31.07
N LEU A 24 19.10 22.71 30.01
CA LEU A 24 19.84 21.46 30.02
C LEU A 24 20.95 21.45 28.98
N PRO A 25 22.10 20.87 29.34
CA PRO A 25 23.27 20.75 28.47
C PRO A 25 23.09 19.67 27.42
N ASP A 26 23.93 19.70 26.38
CA ASP A 26 23.86 18.72 25.29
C ASP A 26 24.15 17.30 25.76
N GLU A 27 24.78 17.18 26.93
CA GLU A 27 25.08 15.88 27.50
C GLU A 27 23.81 15.11 27.83
N PHE A 28 22.83 15.83 28.37
CA PHE A 28 21.53 15.25 28.72
C PHE A 28 20.85 14.62 27.51
N PHE A 29 21.11 15.17 26.33
CA PHE A 29 20.44 14.73 25.11
C PHE A 29 21.22 13.71 24.30
N GLU A 30 22.39 13.31 24.78
CA GLU A 30 23.17 12.28 24.09
C GLU A 30 23.19 10.96 24.85
N LEU A 31 23.26 9.86 24.10
CA LEU A 31 23.01 8.54 24.64
C LEU A 31 24.21 7.88 25.31
N THR A 32 23.92 7.14 26.38
CA THR A 32 24.92 6.30 27.03
C THR A 32 25.16 5.08 26.15
N VAL A 33 26.29 4.40 26.37
CA VAL A 33 26.60 3.15 25.67
C VAL A 33 25.45 2.14 25.84
N ASP A 34 24.96 2.02 27.07
CA ASP A 34 23.88 1.10 27.39
C ASP A 34 22.55 1.47 26.72
N ASP A 35 22.35 2.76 26.48
CA ASP A 35 21.15 3.24 25.78
C ASP A 35 21.03 2.55 24.42
N VAL A 36 22.10 2.66 23.63
CA VAL A 36 22.22 1.96 22.35
C VAL A 36 21.96 0.47 22.53
N ARG A 37 22.53 -0.11 23.57
CA ARG A 37 22.37 -1.53 23.88
C ARG A 37 20.90 -1.86 24.18
N ARG A 38 20.20 -0.93 24.84
CA ARG A 38 18.78 -1.11 25.12
C ARG A 38 17.93 -0.86 23.88
N ARG A 39 18.24 0.22 23.17
CA ARG A 39 17.53 0.58 21.95
C ARG A 39 17.53 -0.56 20.93
N LEU A 40 18.66 -1.26 20.85
CA LEU A 40 18.79 -2.42 19.96
C LEU A 40 17.82 -3.51 20.40
N ALA A 41 17.67 -3.69 21.71
CA ALA A 41 16.78 -4.69 22.27
C ALA A 41 15.30 -4.35 22.00
N GLN A 42 15.04 -3.06 21.79
CA GLN A 42 13.69 -2.60 21.45
C GLN A 42 13.33 -3.05 20.03
N LEU A 43 14.27 -2.85 19.11
CA LEU A 43 14.10 -3.23 17.71
C LEU A 43 13.94 -4.73 17.57
N LYS A 44 14.75 -5.48 18.32
CA LYS A 44 14.71 -6.94 18.30
C LYS A 44 13.35 -7.47 18.75
N SER A 45 12.87 -6.96 19.88
CA SER A 45 11.59 -7.39 20.45
C SER A 45 10.43 -7.05 19.53
N GLU A 46 10.44 -5.85 18.97
CA GLU A 46 9.40 -5.41 18.05
C GLU A 46 9.39 -6.25 16.78
N ARG A 47 10.59 -6.63 16.32
CA ARG A 47 10.72 -7.50 15.16
C ARG A 47 10.11 -8.87 15.44
N LYS A 48 10.55 -9.49 16.54
CA LYS A 48 10.03 -10.79 16.96
C LYS A 48 8.52 -10.73 17.21
N ARG A 49 8.05 -9.57 17.64
CA ARG A 49 6.63 -9.36 17.89
C ARG A 49 5.83 -9.50 16.60
N LEU A 50 6.32 -8.88 15.54
CA LEU A 50 5.65 -8.91 14.24
C LEU A 50 5.75 -10.29 13.57
N GLU A 51 6.84 -11.00 13.85
CA GLU A 51 7.09 -12.30 13.25
C GLU A 51 6.11 -13.37 13.75
N GLU A 52 5.95 -13.46 15.07
CA GLU A 52 5.09 -14.48 15.66
C GLU A 52 3.62 -14.08 15.60
N ALA A 53 3.35 -12.78 15.45
CA ALA A 53 1.99 -12.26 15.34
C ALA A 53 1.07 -12.75 16.45
N PRO A 54 1.25 -12.23 17.68
CA PRO A 54 0.50 -12.65 18.87
C PRO A 54 -1.01 -12.56 18.67
N LEU A 55 -1.74 -13.45 19.33
CA LEU A 55 -3.20 -13.48 19.20
C LEU A 55 -3.88 -12.46 20.11
N VAL A 56 -4.68 -11.58 19.52
CA VAL A 56 -5.55 -10.70 20.28
C VAL A 56 -6.93 -11.36 20.39
N THR A 57 -7.31 -11.72 21.61
CA THR A 57 -8.56 -12.44 21.83
C THR A 57 -9.59 -11.61 22.60
N LYS A 58 -10.86 -11.85 22.29
CA LYS A 58 -11.97 -11.15 22.93
C LYS A 58 -11.94 -11.29 24.45
N ALA A 59 -11.46 -12.44 24.92
CA ALA A 59 -11.29 -12.68 26.35
C ALA A 59 -10.26 -11.73 26.94
N PHE A 60 -9.18 -11.51 26.20
CA PHE A 60 -8.11 -10.62 26.65
C PHE A 60 -8.58 -9.16 26.71
N ARG A 61 -9.30 -8.73 25.67
CA ARG A 61 -9.83 -7.37 25.61
C ARG A 61 -10.69 -7.06 26.82
N GLU A 62 -11.70 -7.92 27.05
CA GLU A 62 -12.60 -7.77 28.18
C GLU A 62 -11.84 -7.80 29.50
N ALA A 63 -10.76 -8.58 29.54
CA ALA A 63 -9.92 -8.66 30.73
C ALA A 63 -9.12 -7.37 30.92
N GLN A 64 -8.66 -6.80 29.80
CA GLN A 64 -7.88 -5.57 29.84
C GLN A 64 -8.75 -4.37 30.19
N ILE A 65 -9.96 -4.34 29.66
CA ILE A 65 -10.93 -3.30 29.99
C ILE A 65 -11.23 -3.32 31.49
N LYS A 66 -11.43 -4.52 32.02
CA LYS A 66 -11.74 -4.70 33.43
C LYS A 66 -10.62 -4.20 34.33
N GLU A 67 -9.40 -4.60 34.04
CA GLU A 67 -8.24 -4.18 34.84
C GLU A 67 -7.97 -2.68 34.65
N LYS A 68 -8.45 -2.13 33.54
CA LYS A 68 -8.30 -0.70 33.27
C LYS A 68 -9.33 0.08 34.08
N LEU A 69 -10.56 -0.43 34.13
CA LEU A 69 -11.63 0.18 34.90
C LEU A 69 -11.35 0.08 36.41
N GLU A 70 -10.67 -0.98 36.80
CA GLU A 70 -10.31 -1.19 38.21
C GLU A 70 -9.15 -0.29 38.64
N ARG A 71 -8.27 0.03 37.70
CA ARG A 71 -7.13 0.89 37.97
C ARG A 71 -7.58 2.33 38.16
N TYR A 72 -8.55 2.75 37.36
CA TYR A 72 -9.11 4.10 37.45
C TYR A 72 -10.61 4.05 37.68
N PRO A 73 -11.02 3.81 38.94
CA PRO A 73 -12.44 3.66 39.29
C PRO A 73 -13.23 4.97 39.16
N LYS A 74 -12.54 6.10 39.26
CA LYS A 74 -13.20 7.40 39.09
C LYS A 74 -12.52 8.25 38.03
N VAL A 75 -13.33 8.84 37.15
CA VAL A 75 -12.83 9.61 36.02
C VAL A 75 -12.90 11.11 36.30
N ALA A 76 -11.80 11.82 36.04
CA ALA A 76 -11.76 13.27 36.21
C ALA A 76 -11.88 13.97 34.86
N LEU A 77 -12.81 14.92 34.77
CA LEU A 77 -13.04 15.65 33.52
C LEU A 77 -12.83 17.15 33.71
N ARG A 78 -12.24 17.79 32.71
CA ARG A 78 -12.01 19.23 32.75
C ARG A 78 -12.58 19.91 31.51
N VAL A 79 -13.59 20.77 31.73
CA VAL A 79 -14.20 21.52 30.63
C VAL A 79 -13.55 22.89 30.50
N LEU A 80 -12.89 23.12 29.38
CA LEU A 80 -12.20 24.39 29.14
C LEU A 80 -13.09 25.40 28.42
N PHE A 81 -13.37 26.51 29.10
CA PHE A 81 -14.19 27.57 28.53
C PHE A 81 -13.37 28.48 27.62
N PRO A 82 -14.02 29.11 26.64
CA PRO A 82 -13.36 30.05 25.71
C PRO A 82 -12.76 31.26 26.44
N ASP A 83 -13.20 31.48 27.67
CA ASP A 83 -12.67 32.56 28.51
C ASP A 83 -11.46 32.08 29.32
N ARG A 84 -11.00 30.87 29.01
CA ARG A 84 -9.80 30.24 29.58
C ARG A 84 -10.04 29.60 30.94
N TYR A 85 -11.20 29.87 31.55
CA TYR A 85 -11.55 29.23 32.81
C TYR A 85 -11.77 27.74 32.61
N VAL A 86 -11.38 26.96 33.62
CA VAL A 86 -11.49 25.51 33.54
C VAL A 86 -12.44 24.97 34.61
N LEU A 87 -13.45 24.23 34.17
CA LEU A 87 -14.38 23.59 35.10
C LEU A 87 -14.00 22.12 35.31
N GLN A 88 -13.71 21.77 36.56
CA GLN A 88 -13.28 20.41 36.89
C GLN A 88 -14.37 19.67 37.66
N GLY A 89 -14.51 18.37 37.37
CA GLY A 89 -15.48 17.54 38.05
C GLY A 89 -15.09 16.07 37.99
N PHE A 90 -15.66 15.27 38.88
CA PHE A 90 -15.38 13.84 38.91
C PHE A 90 -16.55 13.02 38.39
N PHE A 91 -16.23 11.93 37.68
CA PHE A 91 -17.26 11.11 37.06
C PHE A 91 -16.92 9.62 37.16
N ARG A 92 -17.94 8.78 37.00
CA ARG A 92 -17.74 7.34 36.90
C ARG A 92 -17.45 7.02 35.44
N PRO A 93 -16.66 5.96 35.18
CA PRO A 93 -16.31 5.59 33.81
C PRO A 93 -17.54 5.27 32.95
N SER A 94 -18.61 4.80 33.59
CA SER A 94 -19.83 4.42 32.89
C SER A 94 -20.82 5.58 32.75
N GLU A 95 -20.44 6.76 33.26
CA GLU A 95 -21.24 7.96 33.09
C GLU A 95 -21.29 8.31 31.60
N THR A 96 -22.35 8.98 31.19
CA THR A 96 -22.53 9.32 29.78
C THR A 96 -22.01 10.71 29.47
N VAL A 97 -22.06 11.10 28.19
CA VAL A 97 -21.68 12.43 27.77
C VAL A 97 -22.76 13.41 28.22
N GLY A 98 -24.01 12.96 28.17
CA GLY A 98 -25.13 13.75 28.63
C GLY A 98 -24.99 14.13 30.09
N ASP A 99 -24.50 13.19 30.89
CA ASP A 99 -24.24 13.42 32.31
C ASP A 99 -23.23 14.54 32.51
N LEU A 100 -22.30 14.66 31.55
CA LEU A 100 -21.33 15.73 31.56
C LEU A 100 -21.96 17.05 31.15
N ARG A 101 -22.80 17.00 30.11
CA ARG A 101 -23.48 18.19 29.61
C ARG A 101 -24.43 18.77 30.66
N ASP A 102 -25.10 17.88 31.40
CA ASP A 102 -25.96 18.29 32.50
C ASP A 102 -25.13 18.92 33.62
N PHE A 103 -23.94 18.35 33.85
CA PHE A 103 -23.00 18.89 34.82
C PHE A 103 -22.57 20.31 34.45
N VAL A 104 -22.51 20.59 33.15
CA VAL A 104 -22.13 21.91 32.67
C VAL A 104 -23.27 22.92 32.82
N ARG A 105 -24.48 22.51 32.42
CA ARG A 105 -25.66 23.37 32.54
C ARG A 105 -25.91 23.80 33.98
N SER A 106 -25.50 22.95 34.92
CA SER A 106 -25.66 23.22 36.35
C SER A 106 -24.94 24.49 36.78
N HIS A 107 -23.66 24.57 36.46
CA HIS A 107 -22.80 25.65 36.94
C HIS A 107 -22.75 26.86 36.00
N LEU A 108 -23.56 26.83 34.96
CA LEU A 108 -23.55 27.88 33.95
C LEU A 108 -24.13 29.19 34.48
N GLY A 109 -24.14 30.22 33.65
CA GLY A 109 -24.75 31.49 34.01
C GLY A 109 -26.26 31.37 33.88
N ASN A 110 -26.67 30.36 33.12
CA ASN A 110 -28.08 30.06 32.87
C ASN A 110 -28.18 28.81 32.01
N PRO A 111 -29.10 27.91 32.36
CA PRO A 111 -29.32 26.66 31.62
C PRO A 111 -29.95 26.90 30.24
N GLU A 112 -30.53 28.08 30.07
CA GLU A 112 -31.24 28.43 28.83
C GLU A 112 -30.35 28.44 27.61
N LEU A 113 -29.05 28.64 27.81
CA LEU A 113 -28.11 28.75 26.69
C LEU A 113 -27.83 27.41 26.01
N SER A 114 -27.67 27.47 24.69
CA SER A 114 -27.33 26.29 23.91
C SER A 114 -25.83 26.28 23.65
N PHE A 115 -25.21 25.10 23.84
CA PHE A 115 -23.77 24.97 23.68
C PHE A 115 -23.42 23.55 23.23
N TYR A 116 -22.13 23.30 23.03
CA TYR A 116 -21.66 21.98 22.64
C TYR A 116 -20.24 21.73 23.13
N LEU A 117 -19.93 20.46 23.40
CA LEU A 117 -18.61 20.08 23.87
C LEU A 117 -17.87 19.29 22.79
N PHE A 118 -16.56 19.43 22.76
CA PHE A 118 -15.74 18.78 21.75
C PHE A 118 -14.30 18.57 22.21
N ILE A 119 -13.62 17.63 21.56
CA ILE A 119 -12.22 17.35 21.88
C ILE A 119 -11.33 17.64 20.67
N THR A 120 -10.13 18.14 20.93
CA THR A 120 -9.21 18.57 19.88
C THR A 120 -7.77 18.15 20.19
N PRO A 121 -6.89 18.16 19.18
CA PRO A 121 -7.09 18.17 17.73
C PRO A 121 -7.32 16.77 17.16
N PRO A 122 -8.02 16.67 16.02
CA PRO A 122 -8.73 17.77 15.36
C PRO A 122 -10.04 18.01 16.08
N LYS A 123 -10.89 18.89 15.55
CA LYS A 123 -12.13 19.16 16.24
C LYS A 123 -13.07 17.97 16.07
N THR A 124 -13.44 17.37 17.18
CA THR A 124 -14.41 16.28 17.19
C THR A 124 -15.46 16.56 18.25
N VAL A 125 -16.68 16.78 17.79
CA VAL A 125 -17.80 17.18 18.65
C VAL A 125 -18.52 15.91 19.12
N LEU A 126 -19.02 15.93 20.35
CA LEU A 126 -19.65 14.73 20.87
C LEU A 126 -21.16 14.90 20.72
N ASP A 127 -21.71 14.19 19.73
CA ASP A 127 -23.12 14.23 19.42
C ASP A 127 -23.89 13.26 20.31
N ASP A 128 -23.19 12.20 20.73
CA ASP A 128 -23.84 11.10 21.43
C ASP A 128 -23.88 11.35 22.94
N HIS A 129 -25.09 11.53 23.48
CA HIS A 129 -25.28 11.73 24.91
C HIS A 129 -25.45 10.39 25.61
N THR A 130 -25.67 9.34 24.82
CA THR A 130 -25.76 7.98 25.34
C THR A 130 -24.38 7.42 25.63
N GLN A 131 -23.41 7.83 24.82
CA GLN A 131 -22.04 7.33 24.87
C GLN A 131 -21.40 7.51 26.24
N THR A 132 -20.73 6.46 26.72
CA THR A 132 -20.01 6.51 27.98
C THR A 132 -18.68 7.22 27.81
N LEU A 133 -18.16 7.77 28.91
CA LEU A 133 -16.87 8.47 28.88
C LEU A 133 -15.74 7.53 28.49
N PHE A 134 -15.92 6.24 28.76
CA PHE A 134 -14.91 5.24 28.44
C PHE A 134 -14.68 5.12 26.95
N GLN A 135 -15.77 4.88 26.21
CA GLN A 135 -15.70 4.68 24.77
C GLN A 135 -15.55 6.00 24.02
N ALA A 136 -15.68 7.11 24.73
CA ALA A 136 -15.48 8.43 24.15
C ALA A 136 -14.04 8.89 24.37
N ASN A 137 -13.23 8.00 24.96
CA ASN A 137 -11.85 8.30 25.30
C ASN A 137 -11.69 9.54 26.19
N LEU A 138 -12.63 9.68 27.11
CA LEU A 138 -12.59 10.73 28.12
C LEU A 138 -11.92 10.20 29.38
N PHE A 139 -11.34 9.01 29.24
CA PHE A 139 -10.84 8.21 30.35
C PHE A 139 -9.32 8.16 30.28
N PRO A 140 -8.64 8.04 31.43
CA PRO A 140 -9.12 8.25 32.81
C PRO A 140 -9.29 9.74 33.15
N ALA A 141 -8.50 10.58 32.50
CA ALA A 141 -8.55 12.03 32.71
C ALA A 141 -8.44 12.74 31.38
N ALA A 142 -9.41 13.58 31.06
CA ALA A 142 -9.44 14.23 29.76
C ALA A 142 -9.80 15.71 29.81
N LEU A 143 -9.28 16.46 28.84
CA LEU A 143 -9.58 17.88 28.70
C LEU A 143 -10.58 18.07 27.57
N VAL A 144 -11.65 18.79 27.85
CA VAL A 144 -12.70 19.03 26.86
C VAL A 144 -12.94 20.52 26.65
N HIS A 145 -13.03 20.93 25.39
CA HIS A 145 -13.30 22.33 25.06
C HIS A 145 -14.79 22.58 24.91
N LEU A 146 -15.25 23.74 25.37
CA LEU A 146 -16.67 24.08 25.32
C LEU A 146 -16.95 25.09 24.21
N GLY A 147 -17.69 24.64 23.19
CA GLY A 147 -18.09 25.53 22.11
C GLY A 147 -19.50 26.02 22.29
N ALA A 148 -19.85 27.08 21.55
CA ALA A 148 -21.20 27.62 21.58
C ALA A 148 -21.49 28.38 20.29
N GLU A 149 -22.78 28.55 19.98
CA GLU A 149 -23.17 29.30 18.79
C GLU A 149 -23.00 30.78 19.05
N GLU A 150 -23.35 31.19 20.27
CA GLU A 150 -23.20 32.58 20.70
C GLU A 150 -22.40 32.61 22.00
N PRO A 151 -21.07 32.46 21.91
CA PRO A 151 -20.15 32.32 23.05
C PRO A 151 -20.21 33.48 24.04
N ALA A 152 -20.66 34.65 23.59
CA ALA A 152 -20.82 35.81 24.46
C ALA A 152 -21.80 35.47 25.60
N GLY A 153 -22.60 34.44 25.36
CA GLY A 153 -23.53 33.95 26.37
C GLY A 153 -22.86 33.25 27.53
N VAL A 154 -21.86 32.42 27.28
CA VAL A 154 -21.36 31.58 28.37
C VAL A 154 -20.21 32.23 29.15
N TYR A 155 -20.53 32.67 30.36
CA TYR A 155 -19.57 33.24 31.29
C TYR A 155 -19.14 32.28 32.39
N LEU A 156 -19.64 31.05 32.33
CA LEU A 156 -19.68 30.15 33.49
C LEU A 156 -20.53 30.82 34.58
N GLU A 157 -20.00 31.01 35.77
CA GLU A 157 -20.74 31.69 36.82
C GLU A 157 -19.81 32.58 37.65
N PRO A 158 -20.29 33.77 38.04
CA PRO A 158 -19.51 34.71 38.85
C PRO A 158 -19.21 34.21 40.26
N GLY A 159 -20.17 33.57 40.90
CA GLY A 159 -20.00 33.06 42.26
C GLY A 159 -18.90 32.03 42.35
N LEU A 160 -18.82 31.17 41.34
CA LEU A 160 -17.77 30.16 41.28
C LEU A 160 -16.40 30.80 41.01
N LEU A 161 -16.41 31.90 40.28
CA LEU A 161 -15.19 32.64 39.99
C LEU A 161 -14.54 33.18 41.26
N GLU A 162 -15.35 33.37 42.30
CA GLU A 162 -14.85 33.78 43.59
C GLU A 162 -14.24 32.59 44.31
N HIS A 163 -14.77 31.40 44.03
CA HIS A 163 -14.27 30.16 44.61
C HIS A 163 -13.13 29.59 43.77
N ALA A 164 -12.84 30.25 42.66
CA ALA A 164 -11.83 29.78 41.72
C ALA A 164 -10.44 29.63 42.37
N ILE A 165 -9.75 28.55 42.03
CA ILE A 165 -8.47 28.21 42.66
C ILE A 165 -7.33 28.16 41.65
N SER A 166 -6.15 27.78 42.15
CA SER A 166 -4.98 27.62 41.30
C SER A 166 -5.00 26.28 40.58
N PRO A 167 -4.57 26.26 39.31
CA PRO A 167 -4.48 25.04 38.51
C PRO A 167 -3.60 23.98 39.18
N SER A 168 -2.51 24.41 39.79
CA SER A 168 -1.61 23.51 40.51
C SER A 168 -2.33 22.84 41.68
N ALA A 169 -3.29 23.55 42.26
CA ALA A 169 -4.09 23.00 43.36
C ALA A 169 -5.11 21.99 42.84
N ALA A 170 -5.68 22.28 41.67
CA ALA A 170 -6.67 21.38 41.07
C ALA A 170 -6.06 20.03 40.71
N ASP A 171 -4.77 20.01 40.42
CA ASP A 171 -4.06 18.79 40.07
C ASP A 171 -3.87 17.88 41.29
N VAL A 172 -3.75 18.47 42.48
CA VAL A 172 -3.55 17.69 43.69
C VAL A 172 -4.83 16.94 44.08
N LEU A 173 -5.96 17.40 43.55
CA LEU A 173 -7.23 16.70 43.72
C LEU A 173 -7.29 15.51 42.78
N VAL A 174 -6.71 15.69 41.59
CA VAL A 174 -6.68 14.65 40.56
C VAL A 174 -5.61 13.60 40.84
N ALA A 175 -4.43 14.07 41.25
CA ALA A 175 -3.28 13.20 41.50
C ALA A 175 -3.57 12.12 42.54
N ARG A 176 -4.50 12.42 43.44
CA ARG A 176 -4.95 11.46 44.44
C ARG A 176 -5.59 10.22 43.79
N TYR A 177 -6.44 10.46 42.80
CA TYR A 177 -7.17 9.39 42.13
C TYR A 177 -6.33 8.72 41.03
N MET A 178 -5.29 9.41 40.58
CA MET A 178 -4.41 8.85 39.54
C MET A 178 -3.31 7.90 40.04
N SER A 179 -2.63 8.28 41.12
CA SER A 179 -1.53 7.46 41.64
C SER A 179 -2.07 6.41 42.60
N ARG A 180 -3.32 6.61 42.99
CA ARG A 180 -3.94 5.82 44.05
C ARG A 180 -5.44 5.85 43.87
N ALA A 181 -6.15 5.02 44.62
CA ALA A 181 -7.59 4.99 44.51
C ALA A 181 -8.25 6.19 45.19
N ALA A 182 -9.57 6.09 45.36
CA ALA A 182 -10.43 7.19 45.78
C ALA A 182 -10.08 7.83 47.11
N GLY A 183 -9.17 7.21 47.85
CA GLY A 183 -8.78 7.74 49.15
C GLY A 183 -7.44 7.27 49.67
N SER B 14 28.49 14.34 37.47
CA SER B 14 27.70 15.53 37.16
C SER B 14 26.52 15.17 36.25
N THR B 15 26.82 14.40 35.19
CA THR B 15 25.84 14.05 34.17
C THR B 15 24.70 13.18 34.70
N ALA B 16 25.06 12.06 35.32
CA ALA B 16 24.10 11.06 35.78
C ALA B 16 23.03 11.63 36.69
N ILE B 17 23.35 12.76 37.34
CA ILE B 17 22.41 13.51 38.15
C ILE B 17 21.18 13.91 37.34
N LEU B 18 21.37 14.78 36.35
CA LEU B 18 20.27 15.29 35.53
C LEU B 18 19.46 14.16 34.93
N LYS B 19 20.15 13.19 34.35
CA LYS B 19 19.51 12.04 33.72
C LYS B 19 18.70 11.22 34.73
N GLN B 20 19.18 11.17 35.98
CA GLN B 20 18.42 10.54 37.06
C GLN B 20 17.35 11.47 37.63
N LYS B 21 17.73 12.73 37.83
CA LYS B 21 16.82 13.75 38.37
C LYS B 21 15.64 14.00 37.43
N ASN B 22 15.96 14.20 36.16
CA ASN B 22 14.96 14.48 35.13
C ASN B 22 14.46 13.24 34.40
N ARG B 23 14.86 12.07 34.88
CA ARG B 23 14.47 10.77 34.29
C ARG B 23 13.00 10.64 33.88
N PRO B 24 12.06 11.13 34.71
CA PRO B 24 10.67 11.09 34.25
C PRO B 24 10.44 11.97 33.01
N ASN B 25 11.24 13.03 32.87
CA ASN B 25 11.09 13.96 31.76
C ASN B 25 11.97 13.61 30.57
N ARG B 26 12.77 12.55 30.71
CA ARG B 26 13.69 12.15 29.65
C ARG B 26 13.12 10.97 28.87
N LEU B 27 12.75 11.22 27.62
CA LEU B 27 12.10 10.21 26.80
C LEU B 27 12.81 10.05 25.46
N ILE B 28 12.51 8.95 24.77
CA ILE B 28 13.09 8.69 23.46
C ILE B 28 12.03 8.63 22.36
N VAL B 29 12.35 9.20 21.20
CA VAL B 29 11.40 9.33 20.11
C VAL B 29 11.05 7.98 19.47
N ASP B 30 9.78 7.82 19.08
CA ASP B 30 9.33 6.62 18.40
C ASP B 30 8.27 6.98 17.35
N GLU B 31 8.03 6.08 16.40
CA GLU B 31 7.03 6.32 15.35
C GLU B 31 5.64 6.44 15.95
N ALA B 32 4.85 7.37 15.42
CA ALA B 32 3.53 7.67 15.97
C ALA B 32 2.39 7.04 15.17
N ILE B 33 1.35 6.60 15.89
CA ILE B 33 0.14 6.10 15.26
C ILE B 33 -0.67 7.26 14.70
N ASN B 34 -0.93 8.25 15.54
CA ASN B 34 -1.71 9.42 15.14
C ASN B 34 -0.90 10.28 14.17
N GLU B 35 -1.48 10.52 12.99
CA GLU B 35 -0.77 11.23 11.93
C GLU B 35 -1.04 12.73 11.98
N ASP B 36 -1.79 13.16 12.98
CA ASP B 36 -2.10 14.58 13.16
C ASP B 36 -0.83 15.36 13.42
N ASN B 37 -0.84 16.64 13.07
CA ASN B 37 0.34 17.50 13.18
C ASN B 37 0.70 17.87 14.61
N SER B 38 -0.30 18.22 15.41
CA SER B 38 -0.07 18.73 16.76
C SER B 38 -0.15 17.65 17.85
N VAL B 39 -0.36 16.40 17.45
CA VAL B 39 -0.58 15.33 18.42
C VAL B 39 0.66 14.45 18.69
N VAL B 40 1.00 14.32 19.97
CA VAL B 40 2.03 13.36 20.39
C VAL B 40 1.40 12.36 21.35
N SER B 41 1.96 11.16 21.42
CA SER B 41 1.39 10.11 22.26
C SER B 41 2.33 9.68 23.38
N LEU B 42 1.74 9.31 24.52
CA LEU B 42 2.51 8.84 25.67
C LEU B 42 1.83 7.64 26.31
N SER B 43 2.57 6.92 27.15
CA SER B 43 1.99 5.80 27.89
C SER B 43 1.20 6.34 29.08
N GLN B 44 0.10 5.67 29.39
CA GLN B 44 -0.77 6.07 30.51
C GLN B 44 -0.05 6.24 31.87
N PRO B 45 0.86 5.29 32.22
CA PRO B 45 1.60 5.52 33.48
C PRO B 45 2.44 6.79 33.44
N LYS B 46 3.07 7.06 32.30
CA LYS B 46 3.86 8.27 32.14
C LYS B 46 2.95 9.50 32.17
N MET B 47 1.76 9.36 31.57
CA MET B 47 0.74 10.40 31.58
C MET B 47 0.36 10.77 33.01
N ASP B 48 0.17 9.76 33.85
CA ASP B 48 -0.17 9.96 35.26
C ASP B 48 1.00 10.51 36.06
N GLU B 49 2.18 9.92 35.85
CA GLU B 49 3.41 10.36 36.53
C GLU B 49 3.65 11.85 36.38
N LEU B 50 3.32 12.38 35.20
CA LEU B 50 3.47 13.80 34.93
C LEU B 50 2.18 14.57 35.23
N GLN B 51 1.17 13.87 35.75
CA GLN B 51 -0.13 14.46 36.04
C GLN B 51 -0.73 15.12 34.81
N LEU B 52 -0.68 14.39 33.69
CA LEU B 52 -1.15 14.91 32.41
C LEU B 52 -2.55 14.45 32.05
N PHE B 53 -3.41 15.40 31.73
CA PHE B 53 -4.74 15.09 31.19
C PHE B 53 -4.64 14.77 29.71
N ARG B 54 -5.59 13.97 29.22
CA ARG B 54 -5.64 13.67 27.80
C ARG B 54 -6.11 14.90 27.04
N GLY B 55 -5.31 15.33 26.07
CA GLY B 55 -5.61 16.53 25.32
C GLY B 55 -4.92 17.77 25.88
N ASP B 56 -4.18 17.59 26.96
CA ASP B 56 -3.46 18.69 27.59
C ASP B 56 -2.26 19.10 26.75
N THR B 57 -1.77 20.32 26.97
CA THR B 57 -0.65 20.84 26.20
C THR B 57 0.69 20.53 26.88
N VAL B 58 1.67 20.10 26.09
CA VAL B 58 3.02 19.84 26.62
C VAL B 58 4.06 20.58 25.80
N LEU B 59 5.26 20.74 26.38
CA LEU B 59 6.37 21.38 25.67
C LEU B 59 7.51 20.38 25.48
N LEU B 60 8.02 20.31 24.27
CA LEU B 60 9.12 19.40 23.95
C LEU B 60 10.36 20.20 23.58
N LYS B 61 11.53 19.66 23.91
CA LYS B 61 12.80 20.31 23.57
C LYS B 61 13.85 19.28 23.17
N GLY B 62 14.59 19.58 22.11
CA GLY B 62 15.63 18.69 21.63
C GLY B 62 17.02 19.17 21.98
N LYS B 63 18.02 18.44 21.47
CA LYS B 63 19.42 18.81 21.67
C LYS B 63 19.74 20.09 20.89
N LYS B 64 18.99 20.30 19.81
CA LYS B 64 19.19 21.45 18.92
C LYS B 64 18.74 22.77 19.55
N ARG B 65 18.17 22.68 20.75
CA ARG B 65 17.62 23.82 21.50
C ARG B 65 16.24 24.25 20.97
N ARG B 66 15.88 23.75 19.80
CA ARG B 66 14.57 24.04 19.22
C ARG B 66 13.46 23.41 20.05
N GLU B 67 12.41 24.18 20.29
CA GLU B 67 11.28 23.70 21.07
C GLU B 67 10.11 23.34 20.18
N ALA B 68 9.05 22.81 20.79
CA ALA B 68 7.78 22.58 20.11
C ALA B 68 6.68 22.49 21.14
N VAL B 69 5.45 22.72 20.69
CA VAL B 69 4.29 22.60 21.57
C VAL B 69 3.24 21.69 20.93
N CYS B 70 2.97 20.57 21.58
CA CYS B 70 2.07 19.57 21.03
C CYS B 70 1.02 19.13 22.04
N ILE B 71 -0.13 18.68 21.53
CA ILE B 71 -1.18 18.13 22.39
C ILE B 71 -0.85 16.67 22.69
N VAL B 72 -1.00 16.28 23.95
CA VAL B 72 -0.63 14.92 24.37
C VAL B 72 -1.85 14.00 24.49
N LEU B 73 -1.69 12.77 23.97
CA LEU B 73 -2.75 11.76 24.07
C LEU B 73 -2.17 10.46 24.62
N SER B 74 -3.05 9.63 25.18
CA SER B 74 -2.63 8.34 25.73
C SER B 74 -2.54 7.28 24.64
N ASP B 75 -1.56 6.39 24.76
CA ASP B 75 -1.44 5.26 23.85
C ASP B 75 -1.08 3.99 24.63
N ASP B 76 -1.87 2.94 24.43
CA ASP B 76 -1.68 1.69 25.15
C ASP B 76 -0.47 0.91 24.62
N THR B 77 -0.17 1.13 23.34
CA THR B 77 0.92 0.43 22.68
C THR B 77 2.27 1.09 22.95
N CYS B 78 2.23 2.29 23.52
CA CYS B 78 3.44 3.07 23.77
C CYS B 78 4.16 2.63 25.04
N SER B 79 5.48 2.51 24.97
CA SER B 79 6.30 2.18 26.12
C SER B 79 6.38 3.38 27.07
N ASP B 80 6.68 3.11 28.33
CA ASP B 80 6.75 4.16 29.34
C ASP B 80 7.91 5.11 29.10
N GLU B 81 9.06 4.55 28.74
CA GLU B 81 10.27 5.34 28.50
C GLU B 81 10.22 6.08 27.17
N LYS B 82 9.25 5.72 26.33
CA LYS B 82 9.20 6.24 24.96
C LYS B 82 8.10 7.24 24.72
N ILE B 83 8.36 8.18 23.82
CA ILE B 83 7.35 9.10 23.32
C ILE B 83 7.25 8.92 21.80
N ARG B 84 6.04 8.98 21.26
CA ARG B 84 5.88 8.87 19.82
C ARG B 84 5.35 10.15 19.17
N MET B 85 6.01 10.55 18.10
CA MET B 85 5.64 11.74 17.34
C MET B 85 5.85 11.47 15.86
N ASN B 86 5.08 12.13 15.01
CA ASN B 86 5.16 11.92 13.57
C ASN B 86 6.25 12.76 12.89
N ARG B 87 6.34 12.62 11.57
CA ARG B 87 7.34 13.31 10.76
C ARG B 87 7.34 14.82 10.97
N VAL B 88 6.16 15.41 10.97
CA VAL B 88 5.99 16.86 11.12
C VAL B 88 6.63 17.37 12.42
N VAL B 89 6.34 16.70 13.52
CA VAL B 89 6.87 17.11 14.83
C VAL B 89 8.38 16.89 14.94
N ARG B 90 8.84 15.72 14.51
CA ARG B 90 10.25 15.36 14.57
C ARG B 90 11.16 16.39 13.90
N ASN B 91 10.71 16.91 12.76
CA ASN B 91 11.47 17.91 12.03
C ASN B 91 11.44 19.29 12.70
N ASN B 92 10.30 19.62 13.29
CA ASN B 92 10.16 20.88 14.00
C ASN B 92 11.02 20.92 15.27
N LEU B 93 11.24 19.75 15.85
CA LEU B 93 12.12 19.63 17.02
C LEU B 93 13.56 19.39 16.58
N ARG B 94 13.73 19.17 15.29
CA ARG B 94 15.01 18.78 14.70
C ARG B 94 15.59 17.57 15.42
N VAL B 95 14.85 16.46 15.36
CA VAL B 95 15.26 15.19 15.94
C VAL B 95 14.72 14.07 15.07
N ARG B 96 15.26 12.87 15.24
CA ARG B 96 14.78 11.71 14.52
C ARG B 96 14.49 10.56 15.47
N LEU B 97 14.11 9.41 14.92
CA LEU B 97 13.77 8.25 15.73
C LEU B 97 14.94 7.77 16.58
N GLY B 98 14.70 7.62 17.88
CA GLY B 98 15.73 7.18 18.80
C GLY B 98 16.34 8.31 19.59
N ASP B 99 16.17 9.53 19.09
CA ASP B 99 16.73 10.72 19.75
C ASP B 99 16.05 11.02 21.09
N VAL B 100 16.75 11.77 21.93
CA VAL B 100 16.26 12.08 23.27
C VAL B 100 15.64 13.47 23.32
N ILE B 101 14.49 13.59 23.96
CA ILE B 101 13.84 14.88 24.16
C ILE B 101 13.46 15.08 25.63
N SER B 102 13.18 16.31 26.00
CA SER B 102 12.69 16.63 27.34
C SER B 102 11.31 17.25 27.27
N ILE B 103 10.42 16.82 28.15
CA ILE B 103 9.02 17.23 28.10
C ILE B 103 8.52 17.79 29.42
N GLN B 104 7.76 18.88 29.35
CA GLN B 104 7.07 19.42 30.53
C GLN B 104 5.65 19.84 30.19
N PRO B 105 4.72 19.59 31.12
CA PRO B 105 3.28 19.88 30.98
C PRO B 105 2.97 21.37 31.10
N CYS B 106 3.07 22.13 30.02
CA CYS B 106 2.88 23.58 30.08
C CYS B 106 1.43 24.01 29.80
N PRO B 107 0.71 24.38 30.87
CA PRO B 107 -0.70 24.82 30.91
C PRO B 107 -0.93 26.26 30.42
N ASP B 108 0.09 27.09 30.59
CA ASP B 108 -0.01 28.54 30.53
C ASP B 108 -0.46 29.11 29.20
N VAL B 109 -0.20 28.37 28.13
CA VAL B 109 0.04 28.95 26.81
C VAL B 109 -1.03 29.97 26.39
N LYS B 110 -0.56 31.15 25.99
CA LYS B 110 -1.45 32.27 25.71
C LYS B 110 -2.18 32.06 24.38
N TYR B 111 -3.47 32.37 24.38
CA TYR B 111 -4.25 32.32 23.15
C TYR B 111 -3.69 33.37 22.20
N GLY B 112 -3.35 32.94 20.99
CA GLY B 112 -2.75 33.82 20.01
C GLY B 112 -3.62 35.02 19.70
N LYS B 113 -3.03 36.20 19.71
CA LYS B 113 -3.75 37.40 19.31
C LYS B 113 -3.76 37.49 17.79
N ARG B 114 -2.59 37.23 17.20
CA ARG B 114 -2.45 37.18 15.75
C ARG B 114 -1.28 36.28 15.39
N ILE B 115 -1.34 35.66 14.21
CA ILE B 115 -0.23 34.85 13.71
C ILE B 115 0.03 35.14 12.25
N HIS B 116 1.19 34.70 11.75
CA HIS B 116 1.56 34.92 10.36
C HIS B 116 2.07 33.61 9.75
N VAL B 117 1.39 33.16 8.70
CA VAL B 117 1.74 31.88 8.07
C VAL B 117 1.78 31.98 6.55
N LEU B 118 2.85 31.44 5.95
CA LEU B 118 3.03 31.47 4.50
C LEU B 118 3.36 30.08 3.95
N PRO B 119 2.86 29.77 2.74
CA PRO B 119 3.09 28.48 2.09
C PRO B 119 4.48 28.34 1.47
N ILE B 120 4.90 27.10 1.25
CA ILE B 120 6.17 26.82 0.58
C ILE B 120 5.95 26.75 -0.94
N ASP B 121 6.84 27.38 -1.70
CA ASP B 121 6.66 27.58 -3.14
C ASP B 121 6.45 26.31 -3.99
N ASP B 122 7.25 25.28 -3.75
CA ASP B 122 7.20 24.09 -4.61
C ASP B 122 5.95 23.23 -4.40
N THR B 123 5.31 23.36 -3.25
CA THR B 123 4.10 22.61 -2.95
C THR B 123 2.86 23.22 -3.59
N VAL B 124 2.90 24.54 -3.81
CA VAL B 124 1.75 25.28 -4.34
C VAL B 124 1.77 25.43 -5.87
N GLU B 125 2.73 24.79 -6.53
CA GLU B 125 2.86 24.90 -7.98
C GLU B 125 1.69 24.28 -8.74
N GLY B 126 1.09 25.07 -9.63
CA GLY B 126 0.04 24.57 -10.51
C GLY B 126 -1.40 24.81 -10.10
N ILE B 127 -1.63 25.74 -9.17
CA ILE B 127 -2.98 26.02 -8.69
C ILE B 127 -3.29 27.51 -8.54
N THR B 128 -4.56 27.88 -8.77
CA THR B 128 -5.05 29.21 -8.42
C THR B 128 -6.16 29.09 -7.40
N GLY B 129 -6.27 30.08 -6.52
CA GLY B 129 -7.36 30.15 -5.57
C GLY B 129 -6.91 30.75 -4.26
N ASN B 130 -7.80 30.70 -3.27
CA ASN B 130 -7.46 31.17 -1.93
C ASN B 130 -7.13 29.96 -1.06
N LEU B 131 -5.86 29.83 -0.69
CA LEU B 131 -5.39 28.69 0.08
C LEU B 131 -5.86 28.71 1.54
N PHE B 132 -6.22 29.90 2.03
CA PHE B 132 -6.73 30.02 3.39
C PHE B 132 -8.07 29.32 3.53
N GLU B 133 -9.02 29.73 2.68
CA GLU B 133 -10.39 29.22 2.71
C GLU B 133 -10.46 27.72 2.41
N VAL B 134 -9.48 27.22 1.66
CA VAL B 134 -9.41 25.80 1.31
C VAL B 134 -8.71 25.01 2.41
N TYR B 135 -7.44 25.31 2.62
CA TYR B 135 -6.60 24.54 3.54
C TYR B 135 -6.62 25.04 4.99
N LEU B 136 -6.13 26.27 5.20
CA LEU B 136 -5.93 26.79 6.55
C LEU B 136 -7.22 27.05 7.35
N LYS B 137 -8.29 27.44 6.66
CA LYS B 137 -9.56 27.75 7.33
C LYS B 137 -10.15 26.57 8.14
N PRO B 138 -10.41 25.42 7.49
CA PRO B 138 -10.98 24.32 8.28
C PRO B 138 -9.95 23.71 9.24
N TYR B 139 -8.67 23.84 8.89
CA TYR B 139 -7.59 23.27 9.68
C TYR B 139 -7.51 23.92 11.06
N PHE B 140 -7.60 25.25 11.09
CA PHE B 140 -7.46 26.00 12.34
C PHE B 140 -8.78 26.33 13.01
N LEU B 141 -9.90 25.88 12.45
CA LEU B 141 -11.19 26.30 12.97
C LEU B 141 -11.55 25.50 14.22
N GLU B 142 -11.62 26.21 15.35
CA GLU B 142 -11.93 25.64 16.66
C GLU B 142 -11.17 24.35 16.98
N ALA B 143 -9.95 24.22 16.46
CA ALA B 143 -9.12 23.07 16.76
C ALA B 143 -8.16 23.36 17.90
N TYR B 144 -8.06 24.64 18.28
CA TYR B 144 -7.20 25.10 19.36
C TYR B 144 -5.79 24.51 19.30
N ARG B 145 -5.18 24.58 18.12
CA ARG B 145 -3.88 23.94 17.91
C ARG B 145 -2.73 24.78 18.45
N PRO B 146 -1.84 24.15 19.24
CA PRO B 146 -0.62 24.81 19.68
C PRO B 146 0.27 25.07 18.48
N ILE B 147 0.85 26.26 18.41
CA ILE B 147 1.68 26.62 17.27
C ILE B 147 2.88 27.45 17.72
N ARG B 148 4.05 27.10 17.20
CA ARG B 148 5.27 27.81 17.54
C ARG B 148 5.86 28.37 16.24
N LYS B 149 6.70 29.39 16.38
CA LYS B 149 7.35 29.99 15.22
C LYS B 149 8.29 29.02 14.52
N GLY B 150 8.47 29.20 13.22
CA GLY B 150 9.38 28.37 12.45
C GLY B 150 8.84 26.98 12.16
N ASP B 151 7.69 26.67 12.76
CA ASP B 151 7.06 25.37 12.55
C ASP B 151 6.62 25.20 11.10
N ILE B 152 6.85 24.02 10.56
CA ILE B 152 6.34 23.68 9.23
C ILE B 152 5.39 22.50 9.33
N PHE B 153 4.11 22.76 9.06
CA PHE B 153 3.11 21.70 9.08
C PHE B 153 2.56 21.50 7.67
N LEU B 154 1.64 20.55 7.52
CA LEU B 154 1.04 20.28 6.22
C LEU B 154 -0.46 20.02 6.30
N VAL B 155 -1.18 20.43 5.26
CA VAL B 155 -2.60 20.18 5.14
C VAL B 155 -2.85 19.42 3.84
N ARG B 156 -3.70 18.40 3.89
CA ARG B 156 -3.92 17.55 2.73
C ARG B 156 -5.28 17.75 2.08
N GLY B 157 -5.26 17.96 0.76
CA GLY B 157 -6.48 18.12 -0.01
C GLY B 157 -6.16 18.39 -1.48
N GLY B 158 -7.12 18.15 -2.35
CA GLY B 158 -6.95 18.39 -3.77
C GLY B 158 -5.82 17.59 -4.40
N MET B 159 -5.77 16.30 -4.08
CA MET B 159 -4.73 15.39 -4.59
C MET B 159 -3.34 15.93 -4.30
N ARG B 160 -3.20 16.64 -3.19
CA ARG B 160 -1.98 17.40 -2.93
C ARG B 160 -1.72 17.57 -1.44
N ALA B 161 -0.45 17.68 -1.06
CA ALA B 161 -0.06 17.99 0.30
C ALA B 161 0.69 19.31 0.34
N VAL B 162 0.09 20.33 0.95
CA VAL B 162 0.67 21.67 0.97
C VAL B 162 1.36 21.95 2.29
N GLU B 163 2.61 22.40 2.22
CA GLU B 163 3.37 22.76 3.41
C GLU B 163 3.23 24.25 3.73
N PHE B 164 3.02 24.54 5.01
CA PHE B 164 2.91 25.93 5.46
C PHE B 164 3.96 26.20 6.54
N LYS B 165 4.59 27.36 6.45
CA LYS B 165 5.59 27.76 7.44
C LYS B 165 5.05 28.88 8.31
N VAL B 166 5.36 28.81 9.60
CA VAL B 166 4.91 29.83 10.54
C VAL B 166 5.98 30.90 10.68
N VAL B 167 5.71 32.08 10.14
CA VAL B 167 6.67 33.17 10.16
C VAL B 167 6.83 33.74 11.56
N GLU B 168 5.72 34.16 12.16
CA GLU B 168 5.78 34.72 13.50
C GLU B 168 4.46 34.60 14.27
N THR B 169 4.54 34.62 15.61
CA THR B 169 3.39 34.48 16.47
C THR B 169 3.33 35.59 17.52
N ASP B 170 2.11 35.91 17.94
CA ASP B 170 1.84 36.97 18.91
C ASP B 170 0.95 36.43 20.03
N PRO B 171 1.54 36.01 21.16
CA PRO B 171 2.95 36.20 21.53
C PRO B 171 3.90 35.17 20.93
N SER B 172 5.19 35.33 21.24
CA SER B 172 6.24 34.48 20.72
C SER B 172 7.01 33.80 21.85
N PRO B 173 7.73 32.70 21.54
CA PRO B 173 7.82 31.98 20.26
C PRO B 173 6.56 31.20 19.94
N TYR B 174 5.84 30.75 20.96
CA TYR B 174 4.70 29.88 20.75
C TYR B 174 3.39 30.45 21.30
N CYS B 175 2.29 30.03 20.69
CA CYS B 175 0.95 30.38 21.13
C CYS B 175 0.00 29.31 20.63
N ILE B 176 -1.29 29.47 20.89
CA ILE B 176 -2.28 28.58 20.32
C ILE B 176 -3.31 29.42 19.55
N VAL B 177 -3.96 28.80 18.57
CA VAL B 177 -4.87 29.53 17.70
C VAL B 177 -6.31 29.48 18.21
N ALA B 178 -6.78 30.62 18.69
CA ALA B 178 -8.15 30.76 19.16
C ALA B 178 -9.04 31.21 18.01
N PRO B 179 -10.36 30.98 18.12
CA PRO B 179 -11.29 31.55 17.14
C PRO B 179 -11.20 33.07 17.08
N ASP B 180 -10.66 33.68 18.14
CA ASP B 180 -10.44 35.12 18.17
C ASP B 180 -9.09 35.53 17.57
N THR B 181 -8.24 34.53 17.31
CA THR B 181 -6.92 34.80 16.74
C THR B 181 -7.01 35.19 15.27
N VAL B 182 -6.26 36.23 14.88
CA VAL B 182 -6.23 36.68 13.50
C VAL B 182 -5.08 36.01 12.74
N ILE B 183 -5.41 35.28 11.69
CA ILE B 183 -4.41 34.59 10.89
C ILE B 183 -4.00 35.47 9.71
N HIS B 184 -2.75 35.94 9.71
CA HIS B 184 -2.27 36.81 8.66
C HIS B 184 -1.56 36.02 7.56
N CYS B 185 -2.21 35.93 6.40
CA CYS B 185 -1.66 35.19 5.27
C CYS B 185 -0.98 36.06 4.23
N GLU B 186 -0.93 37.37 4.46
CA GLU B 186 -0.36 38.30 3.49
C GLU B 186 1.13 38.03 3.24
N GLY B 187 1.50 37.92 1.97
CA GLY B 187 2.89 37.69 1.62
C GLY B 187 3.09 36.89 0.34
N GLU B 188 4.30 36.37 0.18
CA GLU B 188 4.67 35.59 -0.99
C GLU B 188 5.14 34.22 -0.53
N PRO B 189 4.83 33.16 -1.31
CA PRO B 189 5.30 31.81 -1.02
C PRO B 189 6.81 31.76 -0.78
N ILE B 190 7.22 30.98 0.22
CA ILE B 190 8.60 30.99 0.68
C ILE B 190 9.45 29.90 0.03
N LYS B 191 10.70 30.25 -0.30
CA LYS B 191 11.67 29.28 -0.78
C LYS B 191 12.06 28.36 0.38
N ARG B 192 12.41 27.12 0.06
CA ARG B 192 12.77 26.14 1.08
C ARG B 192 14.08 26.50 1.78
N GLU B 193 14.28 25.94 2.96
CA GLU B 193 15.55 26.06 3.66
C GLU B 193 16.25 24.71 3.75
N ASP B 194 17.57 24.75 3.79
CA ASP B 194 18.40 23.54 3.81
C ASP B 194 18.17 22.69 5.06
N GLU B 195 18.10 23.34 6.22
CA GLU B 195 17.97 22.63 7.50
C GLU B 195 16.69 21.81 7.56
N GLU B 196 15.68 22.20 6.79
CA GLU B 196 14.39 21.51 6.81
C GLU B 196 14.28 20.59 5.61
N GLU B 197 14.34 19.29 5.88
CA GLU B 197 14.17 18.29 4.82
C GLU B 197 12.75 18.33 4.32
N SER B 198 12.55 17.92 3.07
CA SER B 198 11.21 17.84 2.51
C SER B 198 10.37 16.81 3.25
N LEU B 199 9.08 17.08 3.37
CA LEU B 199 8.15 16.10 3.93
C LEU B 199 7.49 15.35 2.78
N ASN B 200 7.85 15.76 1.55
CA ASN B 200 7.58 14.97 0.36
C ASN B 200 8.81 14.10 0.08
N GLU B 201 9.79 14.18 0.97
CA GLU B 201 10.91 13.24 0.95
C GLU B 201 10.51 11.96 1.70
N VAL B 202 10.97 10.82 1.19
CA VAL B 202 10.54 9.51 1.67
C VAL B 202 10.78 9.29 3.17
N GLY B 203 9.88 8.53 3.80
CA GLY B 203 10.01 8.17 5.20
C GLY B 203 9.31 6.85 5.48
N TYR B 204 9.37 6.39 6.73
CA TYR B 204 8.78 5.12 7.12
C TYR B 204 7.26 5.12 6.97
N ASP B 205 6.65 6.27 7.25
CA ASP B 205 5.20 6.40 7.18
C ASP B 205 4.69 6.33 5.74
N ASP B 206 5.62 6.40 4.78
CA ASP B 206 5.28 6.30 3.36
C ASP B 206 5.41 4.86 2.86
N ILE B 207 5.75 3.94 3.75
CA ILE B 207 5.91 2.54 3.39
C ILE B 207 4.85 1.66 4.05
N GLY B 208 3.92 1.16 3.24
CA GLY B 208 2.93 0.22 3.73
C GLY B 208 3.19 -1.20 3.29
N GLY B 209 2.49 -2.15 3.90
CA GLY B 209 2.50 -3.53 3.48
C GLY B 209 3.60 -4.38 4.10
N CYS B 210 4.70 -3.75 4.47
CA CYS B 210 5.68 -4.43 5.31
C CYS B 210 6.14 -3.57 6.49
N ARG B 211 5.68 -3.92 7.69
CA ARG B 211 6.25 -3.40 8.93
C ARG B 211 7.43 -4.25 9.35
N LYS B 212 7.27 -5.57 9.22
CA LYS B 212 8.25 -6.55 9.65
C LYS B 212 9.60 -6.38 8.97
N GLN B 213 9.59 -6.39 7.64
CA GLN B 213 10.81 -6.24 6.85
C GLN B 213 11.56 -4.97 7.22
N LEU B 214 10.80 -3.92 7.55
CA LEU B 214 11.38 -2.67 8.04
C LEU B 214 12.06 -2.87 9.39
N ALA B 215 11.36 -3.52 10.31
CA ALA B 215 11.89 -3.79 11.64
C ALA B 215 13.18 -4.59 11.59
N GLN B 216 13.25 -5.53 10.66
CA GLN B 216 14.45 -6.33 10.45
C GLN B 216 15.60 -5.45 9.98
N ILE B 217 15.30 -4.52 9.07
CA ILE B 217 16.31 -3.60 8.54
C ILE B 217 16.75 -2.58 9.59
N LYS B 218 15.78 -1.98 10.28
CA LYS B 218 16.06 -1.07 11.38
C LYS B 218 17.01 -1.74 12.38
N GLU B 219 16.66 -2.96 12.76
CA GLU B 219 17.45 -3.74 13.71
C GLU B 219 18.92 -3.81 13.28
N MET B 220 19.16 -4.14 12.02
CA MET B 220 20.52 -4.22 11.51
C MET B 220 21.22 -2.87 11.33
N VAL B 221 20.62 -1.98 10.54
CA VAL B 221 21.29 -0.76 10.10
C VAL B 221 21.07 0.54 10.89
N GLU B 222 20.09 0.60 11.79
CA GLU B 222 19.74 1.88 12.41
C GLU B 222 20.87 2.47 13.25
N LEU B 223 21.31 1.71 14.25
CA LEU B 223 22.34 2.16 15.17
C LEU B 223 23.75 2.37 14.54
N PRO B 224 24.18 1.46 13.63
CA PRO B 224 25.48 1.72 12.98
C PRO B 224 25.47 3.03 12.18
N LEU B 225 24.35 3.36 11.56
CA LEU B 225 24.24 4.57 10.76
C LEU B 225 24.07 5.83 11.62
N ARG B 226 23.22 5.73 12.63
CA ARG B 226 22.87 6.89 13.47
C ARG B 226 24.07 7.33 14.33
N HIS B 227 24.59 6.40 15.14
CA HIS B 227 25.84 6.65 15.87
C HIS B 227 26.75 5.44 15.91
N PRO B 228 27.62 5.31 14.89
CA PRO B 228 28.55 4.18 14.76
C PRO B 228 29.55 4.06 15.91
N ALA B 229 29.94 5.18 16.52
CA ALA B 229 30.96 5.16 17.56
C ALA B 229 30.55 4.44 18.84
N LEU B 230 29.28 4.61 19.25
CA LEU B 230 28.76 3.85 20.39
C LEU B 230 28.48 2.41 19.96
N PHE B 231 28.02 2.25 18.73
CA PHE B 231 27.77 0.93 18.16
C PHE B 231 29.09 0.17 18.01
N LYS B 232 30.18 0.92 17.85
CA LYS B 232 31.50 0.31 17.85
C LYS B 232 31.80 -0.33 19.21
N ALA B 233 31.72 0.48 20.26
CA ALA B 233 32.02 0.03 21.62
C ALA B 233 31.03 -1.04 22.12
N ILE B 234 29.85 -1.09 21.51
CA ILE B 234 28.84 -2.07 21.90
C ILE B 234 29.31 -3.49 21.57
N GLY B 235 30.23 -3.60 20.62
CA GLY B 235 30.89 -4.85 20.33
C GLY B 235 30.31 -5.70 19.22
N VAL B 236 29.02 -5.51 18.91
CA VAL B 236 28.39 -6.31 17.87
C VAL B 236 28.82 -5.87 16.48
N LYS B 237 28.97 -6.84 15.57
CA LYS B 237 29.48 -6.58 14.22
C LYS B 237 28.35 -6.25 13.24
N PRO B 238 28.41 -5.04 12.64
CA PRO B 238 27.39 -4.56 11.70
C PRO B 238 27.50 -5.26 10.35
N PRO B 239 26.37 -5.42 9.65
CA PRO B 239 26.40 -5.98 8.28
C PRO B 239 27.03 -4.98 7.32
N ARG B 240 27.90 -5.46 6.44
CA ARG B 240 28.53 -4.59 5.45
C ARG B 240 27.60 -4.35 4.26
N GLY B 241 26.77 -5.34 3.94
CA GLY B 241 25.84 -5.23 2.84
C GLY B 241 24.60 -6.08 3.01
N ILE B 242 23.52 -5.66 2.35
CA ILE B 242 22.22 -6.31 2.47
C ILE B 242 21.59 -6.51 1.10
N LEU B 243 21.00 -7.68 0.88
CA LEU B 243 20.35 -7.97 -0.39
C LEU B 243 18.84 -7.95 -0.23
N LEU B 244 18.20 -6.94 -0.81
CA LEU B 244 16.75 -6.85 -0.84
C LEU B 244 16.26 -7.59 -2.09
N TYR B 245 15.24 -8.44 -1.93
CA TYR B 245 14.74 -9.17 -3.09
C TYR B 245 13.21 -9.29 -3.15
N GLY B 246 12.71 -9.46 -4.37
CA GLY B 246 11.29 -9.59 -4.63
C GLY B 246 11.00 -9.09 -6.03
N PRO B 247 9.73 -9.12 -6.45
CA PRO B 247 9.35 -8.61 -7.77
C PRO B 247 9.55 -7.09 -7.84
N PRO B 248 9.35 -6.49 -9.03
CA PRO B 248 9.52 -5.02 -9.13
C PRO B 248 8.38 -4.24 -8.51
N GLY B 249 8.63 -2.99 -8.16
CA GLY B 249 7.60 -2.12 -7.62
C GLY B 249 7.12 -2.51 -6.23
N THR B 250 7.98 -3.21 -5.49
CA THR B 250 7.65 -3.69 -4.14
C THR B 250 7.99 -2.68 -3.03
N GLY B 251 8.73 -1.64 -3.36
CA GLY B 251 9.14 -0.66 -2.37
C GLY B 251 10.58 -0.83 -1.89
N LYS B 252 11.35 -1.63 -2.61
CA LYS B 252 12.76 -1.85 -2.26
C LYS B 252 13.56 -0.55 -2.32
N THR B 253 13.47 0.15 -3.46
CA THR B 253 14.11 1.45 -3.60
C THR B 253 13.49 2.44 -2.63
N LEU B 254 12.18 2.30 -2.43
CA LEU B 254 11.44 3.13 -1.49
C LEU B 254 11.98 2.94 -0.07
N ILE B 255 12.17 1.69 0.33
CA ILE B 255 12.70 1.35 1.65
C ILE B 255 14.10 1.93 1.87
N ALA B 256 14.97 1.75 0.88
CA ALA B 256 16.34 2.25 0.94
C ALA B 256 16.39 3.75 1.19
N ARG B 257 15.54 4.49 0.48
CA ARG B 257 15.48 5.95 0.63
C ARG B 257 14.94 6.36 1.99
N ALA B 258 13.96 5.61 2.50
CA ALA B 258 13.35 5.92 3.79
C ALA B 258 14.32 5.64 4.94
N VAL B 259 14.96 4.47 4.91
CA VAL B 259 15.91 4.07 5.94
C VAL B 259 17.07 5.05 6.03
N ALA B 260 17.66 5.38 4.89
CA ALA B 260 18.76 6.34 4.84
C ALA B 260 18.33 7.72 5.35
N ASN B 261 17.08 8.09 5.05
CA ASN B 261 16.55 9.38 5.47
C ASN B 261 16.31 9.45 6.97
N GLU B 262 15.56 8.47 7.49
CA GLU B 262 15.21 8.44 8.91
C GLU B 262 16.45 8.34 9.80
N THR B 263 17.53 7.78 9.25
CA THR B 263 18.78 7.65 9.98
C THR B 263 19.68 8.86 9.78
N GLY B 264 19.27 9.75 8.87
CA GLY B 264 20.05 10.94 8.57
C GLY B 264 21.31 10.63 7.79
N ALA B 265 21.36 9.45 7.21
CA ALA B 265 22.52 9.01 6.43
C ALA B 265 22.42 9.44 4.98
N PHE B 266 23.56 9.80 4.39
CA PHE B 266 23.63 10.17 2.98
C PHE B 266 23.17 9.02 2.11
N PHE B 267 22.56 9.33 0.98
CA PHE B 267 22.03 8.30 0.10
C PHE B 267 22.58 8.41 -1.32
N PHE B 268 23.18 7.33 -1.80
CA PHE B 268 23.68 7.28 -3.18
C PHE B 268 23.06 6.11 -3.93
N LEU B 269 22.44 6.41 -5.06
CA LEU B 269 21.82 5.37 -5.89
C LEU B 269 22.71 5.01 -7.07
N ILE B 270 22.99 3.71 -7.19
CA ILE B 270 23.69 3.21 -8.36
C ILE B 270 22.75 2.30 -9.16
N ASN B 271 22.32 2.78 -10.32
CA ASN B 271 21.44 1.99 -11.17
C ASN B 271 22.25 0.94 -11.95
N GLY B 272 21.88 -0.32 -11.78
CA GLY B 272 22.64 -1.42 -12.36
C GLY B 272 22.85 -1.38 -13.86
N PRO B 273 21.75 -1.32 -14.63
CA PRO B 273 21.90 -1.18 -16.09
C PRO B 273 22.59 0.12 -16.49
N GLU B 274 22.17 1.23 -15.88
CA GLU B 274 22.66 2.56 -16.24
C GLU B 274 24.18 2.69 -16.15
N ILE B 275 24.77 2.10 -15.12
CA ILE B 275 26.22 2.15 -14.92
C ILE B 275 26.91 1.14 -15.85
N MET B 276 26.17 0.14 -16.30
CA MET B 276 26.72 -0.90 -17.17
C MET B 276 26.85 -0.47 -18.62
N SER B 277 26.04 0.51 -19.02
CA SER B 277 26.05 1.02 -20.38
C SER B 277 27.39 1.63 -20.75
N LYS B 278 27.92 2.45 -19.83
CA LYS B 278 29.09 3.26 -20.10
C LYS B 278 30.32 2.43 -20.47
N LEU B 279 31.20 3.02 -21.27
CA LEU B 279 32.31 2.30 -21.89
C LEU B 279 33.32 1.77 -20.89
N ALA B 280 34.11 0.79 -21.31
CA ALA B 280 35.10 0.14 -20.46
C ALA B 280 36.06 1.12 -19.79
N GLY B 281 36.18 1.02 -18.47
CA GLY B 281 37.05 1.90 -17.71
C GLY B 281 36.33 3.12 -17.18
N GLU B 282 35.24 3.49 -17.84
CA GLU B 282 34.40 4.59 -17.35
C GLU B 282 33.47 4.08 -16.26
N SER B 283 33.06 2.82 -16.40
CA SER B 283 32.20 2.18 -15.39
C SER B 283 32.96 1.98 -14.07
N GLU B 284 34.12 1.34 -14.15
CA GLU B 284 34.96 1.11 -12.97
C GLU B 284 35.26 2.42 -12.23
N SER B 285 35.46 3.48 -13.01
CA SER B 285 35.71 4.80 -12.45
C SER B 285 34.47 5.37 -11.75
N ASN B 286 33.29 4.94 -12.18
CA ASN B 286 32.05 5.41 -11.59
C ASN B 286 31.73 4.75 -10.23
N LEU B 287 32.07 3.47 -10.11
CA LEU B 287 31.93 2.78 -8.83
C LEU B 287 32.81 3.43 -7.78
N ARG B 288 34.08 3.63 -8.13
CA ARG B 288 35.06 4.23 -7.24
C ARG B 288 34.61 5.60 -6.76
N LYS B 289 34.09 6.42 -7.68
CA LYS B 289 33.59 7.74 -7.32
C LYS B 289 32.38 7.64 -6.41
N ALA B 290 31.52 6.66 -6.69
CA ALA B 290 30.32 6.43 -5.90
C ALA B 290 30.65 6.11 -4.44
N PHE B 291 31.52 5.13 -4.24
CA PHE B 291 31.92 4.71 -2.91
C PHE B 291 32.70 5.80 -2.17
N GLU B 292 33.62 6.45 -2.87
CA GLU B 292 34.40 7.54 -2.30
C GLU B 292 33.52 8.69 -1.83
N GLU B 293 32.46 9.00 -2.60
CA GLU B 293 31.55 10.08 -2.23
C GLU B 293 30.76 9.72 -0.98
N ALA B 294 30.32 8.46 -0.88
CA ALA B 294 29.61 7.99 0.30
C ALA B 294 30.49 8.05 1.53
N GLU B 295 31.75 7.61 1.38
CA GLU B 295 32.73 7.66 2.46
C GLU B 295 33.00 9.10 2.90
N LYS B 296 32.89 10.03 1.96
CA LYS B 296 33.11 11.44 2.24
C LYS B 296 31.93 12.04 2.99
N ASN B 297 30.72 11.64 2.59
CA ASN B 297 29.50 12.12 3.21
C ASN B 297 29.00 11.20 4.33
N ALA B 298 29.80 10.20 4.66
CA ALA B 298 29.45 9.20 5.66
C ALA B 298 29.04 9.82 7.00
N PRO B 299 28.12 9.17 7.73
CA PRO B 299 27.42 7.90 7.45
C PRO B 299 26.53 7.95 6.21
N ALA B 300 26.58 6.90 5.41
CA ALA B 300 25.87 6.89 4.12
C ALA B 300 25.37 5.50 3.73
N ILE B 301 24.36 5.48 2.87
CA ILE B 301 23.84 4.24 2.31
C ILE B 301 24.03 4.23 0.79
N ILE B 302 24.67 3.17 0.29
CA ILE B 302 24.84 3.01 -1.14
C ILE B 302 23.83 1.99 -1.68
N PHE B 303 22.87 2.47 -2.46
CA PHE B 303 21.84 1.58 -3.00
C PHE B 303 22.14 1.18 -4.44
N ILE B 304 22.33 -0.11 -4.67
CA ILE B 304 22.57 -0.62 -6.00
C ILE B 304 21.29 -1.27 -6.55
N ASP B 305 20.69 -0.62 -7.53
CA ASP B 305 19.42 -1.08 -8.09
C ASP B 305 19.65 -2.14 -9.16
N GLU B 306 18.93 -3.26 -9.04
CA GLU B 306 19.03 -4.39 -9.97
C GLU B 306 20.46 -4.91 -10.05
N LEU B 307 20.91 -5.55 -8.96
CA LEU B 307 22.28 -6.05 -8.86
C LEU B 307 22.59 -7.15 -9.87
N ASP B 308 21.55 -7.85 -10.33
CA ASP B 308 21.72 -8.95 -11.28
C ASP B 308 22.11 -8.44 -12.66
N ALA B 309 22.09 -7.13 -12.85
CA ALA B 309 22.53 -6.52 -14.09
C ALA B 309 24.05 -6.33 -14.08
N ILE B 310 24.68 -6.75 -12.99
CA ILE B 310 26.12 -6.63 -12.84
C ILE B 310 26.81 -7.99 -12.68
N ALA B 311 26.53 -8.67 -11.57
CA ALA B 311 27.18 -9.93 -11.26
C ALA B 311 26.23 -11.11 -11.08
N PRO B 312 25.74 -11.67 -12.19
CA PRO B 312 24.94 -12.90 -12.11
C PRO B 312 25.79 -14.11 -12.50
N GLY B 319 32.94 -12.70 -20.63
CA GLY B 319 33.77 -11.64 -21.17
C GLY B 319 34.78 -11.14 -20.16
N GLU B 320 35.66 -10.24 -20.59
CA GLU B 320 36.68 -9.69 -19.70
C GLU B 320 36.12 -8.61 -18.79
N VAL B 321 35.65 -7.52 -19.40
CA VAL B 321 35.06 -6.40 -18.67
C VAL B 321 33.88 -6.81 -17.81
N GLU B 322 33.23 -7.90 -18.18
CA GLU B 322 32.12 -8.46 -17.39
C GLU B 322 32.58 -8.78 -15.97
N ARG B 323 33.70 -9.50 -15.87
CA ARG B 323 34.26 -9.87 -14.58
C ARG B 323 34.97 -8.69 -13.94
N ARG B 324 35.59 -7.85 -14.77
CA ARG B 324 36.41 -6.73 -14.31
C ARG B 324 35.69 -5.81 -13.33
N ILE B 325 34.47 -5.40 -13.67
CA ILE B 325 33.69 -4.54 -12.78
C ILE B 325 33.20 -5.28 -11.54
N VAL B 326 33.00 -6.58 -11.66
CA VAL B 326 32.57 -7.41 -10.53
C VAL B 326 33.69 -7.48 -9.51
N SER B 327 34.89 -7.75 -9.98
CA SER B 327 36.07 -7.80 -9.12
C SER B 327 36.34 -6.44 -8.49
N GLN B 328 36.10 -5.39 -9.26
CA GLN B 328 36.21 -4.02 -8.75
C GLN B 328 35.22 -3.80 -7.62
N LEU B 329 33.99 -4.30 -7.81
CA LEU B 329 32.94 -4.19 -6.80
C LEU B 329 33.33 -4.92 -5.52
N LEU B 330 33.84 -6.14 -5.67
CA LEU B 330 34.26 -6.96 -4.54
C LEU B 330 35.36 -6.27 -3.73
N THR B 331 36.22 -5.53 -4.43
CA THR B 331 37.29 -4.78 -3.78
C THR B 331 36.73 -3.64 -2.94
N LEU B 332 35.82 -2.87 -3.53
CA LEU B 332 35.18 -1.76 -2.84
C LEU B 332 34.38 -2.24 -1.65
N MET B 333 33.66 -3.35 -1.83
CA MET B 333 32.90 -3.96 -0.76
C MET B 333 33.82 -4.37 0.37
N ASP B 334 34.79 -5.23 0.06
CA ASP B 334 35.76 -5.68 1.05
C ASP B 334 36.64 -4.55 1.54
N GLY B 335 36.69 -3.46 0.77
CA GLY B 335 37.48 -2.30 1.13
C GLY B 335 36.78 -1.37 2.10
N LEU B 336 35.55 -1.72 2.47
CA LEU B 336 34.81 -0.92 3.44
C LEU B 336 34.98 -1.48 4.85
N LYS B 337 35.75 -0.78 5.67
CA LYS B 337 35.85 -1.07 7.09
C LYS B 337 34.68 -0.43 7.84
N GLN B 338 34.33 -1.00 9.00
CA GLN B 338 33.25 -0.49 9.83
C GLN B 338 33.38 1.01 10.12
N ARG B 339 34.61 1.49 10.22
CA ARG B 339 34.88 2.90 10.51
C ARG B 339 34.43 3.82 9.38
N ALA B 340 34.26 3.25 8.19
CA ALA B 340 33.84 4.04 7.03
C ALA B 340 32.38 4.49 7.17
N HIS B 341 31.66 3.81 8.05
CA HIS B 341 30.26 4.13 8.35
C HIS B 341 29.38 4.08 7.10
N VAL B 342 29.65 3.11 6.23
CA VAL B 342 28.88 2.94 5.00
C VAL B 342 28.26 1.55 4.91
N ILE B 343 26.97 1.51 4.59
CA ILE B 343 26.25 0.26 4.42
C ILE B 343 25.68 0.15 3.01
N VAL B 344 26.04 -0.91 2.31
CA VAL B 344 25.63 -1.08 0.91
C VAL B 344 24.36 -1.89 0.77
N MET B 345 23.32 -1.28 0.21
CA MET B 345 22.08 -1.98 -0.07
C MET B 345 21.97 -2.32 -1.55
N ALA B 346 21.41 -3.49 -1.86
CA ALA B 346 21.26 -3.93 -3.24
C ALA B 346 19.92 -4.63 -3.43
N ALA B 347 19.31 -4.42 -4.60
CA ALA B 347 18.00 -5.00 -4.90
C ALA B 347 18.05 -5.91 -6.13
N THR B 348 17.16 -6.90 -6.15
CA THR B 348 17.07 -7.85 -7.26
C THR B 348 15.79 -8.67 -7.16
N ASN B 349 15.59 -9.60 -8.10
CA ASN B 349 14.44 -10.48 -8.06
C ASN B 349 14.58 -11.58 -7.01
N ARG B 350 15.58 -12.44 -7.22
CA ARG B 350 15.87 -13.53 -6.31
C ARG B 350 17.37 -13.55 -6.02
N PRO B 351 17.76 -13.98 -4.80
CA PRO B 351 19.17 -14.00 -4.43
C PRO B 351 19.98 -14.97 -5.30
N ASN B 352 19.30 -15.96 -5.86
CA ASN B 352 19.93 -16.97 -6.70
C ASN B 352 20.49 -16.40 -7.99
N SER B 353 19.85 -15.35 -8.51
CA SER B 353 20.27 -14.71 -9.74
C SER B 353 21.58 -13.94 -9.55
N ILE B 354 21.98 -13.76 -8.30
CA ILE B 354 23.18 -13.02 -7.95
C ILE B 354 24.38 -13.96 -7.76
N ASP B 355 25.55 -13.52 -8.22
CA ASP B 355 26.80 -14.27 -8.04
C ASP B 355 26.97 -14.62 -6.57
N PRO B 356 27.09 -15.92 -6.26
CA PRO B 356 27.26 -16.44 -4.90
C PRO B 356 28.47 -15.83 -4.18
N ALA B 357 29.43 -15.33 -4.94
CA ALA B 357 30.60 -14.66 -4.38
C ALA B 357 30.20 -13.40 -3.60
N LEU B 358 29.08 -12.82 -4.00
CA LEU B 358 28.56 -11.63 -3.32
C LEU B 358 27.84 -12.00 -2.03
N ARG B 359 27.07 -13.09 -2.07
CA ARG B 359 26.23 -13.48 -0.95
C ARG B 359 26.98 -14.10 0.23
N ARG B 360 28.27 -14.37 0.05
CA ARG B 360 29.07 -14.95 1.12
C ARG B 360 29.30 -13.99 2.27
N PHE B 361 29.64 -14.54 3.43
CA PHE B 361 29.83 -13.76 4.65
C PHE B 361 30.89 -12.66 4.49
N GLY B 362 30.61 -11.50 5.08
CA GLY B 362 31.54 -10.39 5.04
C GLY B 362 31.21 -9.33 4.01
N ARG B 363 30.44 -9.71 2.99
CA ARG B 363 30.03 -8.76 1.97
C ARG B 363 28.53 -8.48 2.06
N PHE B 364 27.71 -9.43 1.58
CA PHE B 364 26.30 -9.37 1.89
C PHE B 364 25.99 -10.58 2.76
N ASP B 365 25.84 -10.32 4.06
CA ASP B 365 25.55 -11.39 5.02
C ASP B 365 24.07 -11.71 5.12
N ARG B 366 23.26 -10.68 5.16
CA ARG B 366 21.83 -10.84 5.42
C ARG B 366 21.00 -10.42 4.21
N GLU B 367 19.87 -11.11 4.03
CA GLU B 367 18.97 -10.82 2.93
C GLU B 367 17.54 -10.70 3.44
N VAL B 368 16.82 -9.69 2.93
CA VAL B 368 15.44 -9.45 3.36
C VAL B 368 14.49 -9.67 2.19
N ASP B 369 13.40 -10.38 2.45
CA ASP B 369 12.42 -10.66 1.40
C ASP B 369 11.31 -9.62 1.39
N ILE B 370 11.27 -8.82 0.32
CA ILE B 370 10.17 -7.91 0.12
C ILE B 370 9.26 -8.55 -0.91
N GLY B 371 8.12 -9.06 -0.44
CA GLY B 371 7.26 -9.86 -1.30
C GLY B 371 5.97 -9.16 -1.70
N ILE B 372 5.16 -9.88 -2.46
CA ILE B 372 3.82 -9.43 -2.80
C ILE B 372 2.99 -9.38 -1.52
N PRO B 373 2.48 -8.20 -1.16
CA PRO B 373 1.77 -8.01 0.10
C PRO B 373 0.47 -8.81 0.14
N ASP B 374 0.06 -9.22 1.34
CA ASP B 374 -1.23 -9.88 1.52
C ASP B 374 -2.33 -8.82 1.48
N ALA B 375 -3.57 -9.26 1.63
CA ALA B 375 -4.71 -8.34 1.59
C ALA B 375 -4.62 -7.28 2.68
N THR B 376 -4.25 -7.71 3.89
CA THR B 376 -4.11 -6.81 5.02
C THR B 376 -3.05 -5.74 4.75
N GLY B 377 -2.03 -6.11 3.97
CA GLY B 377 -0.95 -5.21 3.64
C GLY B 377 -1.31 -4.19 2.57
N ARG B 378 -2.11 -4.61 1.59
CA ARG B 378 -2.51 -3.72 0.51
C ARG B 378 -3.39 -2.58 1.01
N LEU B 379 -4.06 -2.81 2.13
CA LEU B 379 -4.89 -1.78 2.75
C LEU B 379 -4.04 -0.63 3.25
N GLU B 380 -2.89 -0.96 3.82
CA GLU B 380 -1.93 0.04 4.28
C GLU B 380 -1.47 0.91 3.13
N ILE B 381 -1.13 0.26 2.01
CA ILE B 381 -0.65 0.95 0.82
C ILE B 381 -1.71 1.88 0.25
N LEU B 382 -2.94 1.39 0.17
CA LEU B 382 -4.07 2.21 -0.27
C LEU B 382 -4.20 3.46 0.61
N GLN B 383 -4.34 3.23 1.92
CA GLN B 383 -4.46 4.32 2.89
C GLN B 383 -3.37 5.39 2.77
N ILE B 384 -2.17 4.96 2.41
CA ILE B 384 -1.05 5.86 2.21
C ILE B 384 -1.24 6.77 0.99
N HIS B 385 -1.69 6.20 -0.12
CA HIS B 385 -1.83 6.97 -1.36
C HIS B 385 -3.16 7.72 -1.52
N THR B 386 -4.14 7.43 -0.66
CA THR B 386 -5.41 8.16 -0.67
C THR B 386 -5.44 9.31 0.33
N LYS B 387 -4.34 9.50 1.07
CA LYS B 387 -4.31 10.48 2.15
C LYS B 387 -4.55 11.91 1.66
N ASN B 388 -4.10 12.20 0.44
CA ASN B 388 -4.28 13.53 -0.15
C ASN B 388 -5.68 13.73 -0.72
N MET B 389 -6.23 12.68 -1.32
CA MET B 389 -7.52 12.78 -1.99
C MET B 389 -8.70 12.60 -1.04
N LYS B 390 -9.77 13.34 -1.28
CA LYS B 390 -10.99 13.17 -0.50
C LYS B 390 -11.80 12.00 -1.03
N LEU B 391 -12.17 11.09 -0.14
CA LEU B 391 -12.88 9.87 -0.53
C LEU B 391 -14.39 9.99 -0.30
N ALA B 392 -15.17 9.49 -1.26
CA ALA B 392 -16.61 9.40 -1.11
C ALA B 392 -16.91 8.45 0.04
N ASP B 393 -18.06 8.62 0.69
CA ASP B 393 -18.43 7.82 1.84
C ASP B 393 -18.69 6.36 1.45
N ASP B 394 -19.00 6.13 0.18
CA ASP B 394 -19.32 4.81 -0.32
C ASP B 394 -18.06 3.99 -0.62
N VAL B 395 -16.90 4.62 -0.45
CA VAL B 395 -15.63 3.96 -0.72
C VAL B 395 -15.19 3.09 0.46
N ASP B 396 -15.02 1.79 0.20
CA ASP B 396 -14.47 0.89 1.19
C ASP B 396 -13.11 0.41 0.68
N LEU B 397 -12.04 0.89 1.30
CA LEU B 397 -10.69 0.60 0.84
C LEU B 397 -10.28 -0.84 1.14
N GLU B 398 -10.69 -1.34 2.30
CA GLU B 398 -10.42 -2.72 2.69
C GLU B 398 -11.08 -3.71 1.73
N GLN B 399 -12.25 -3.35 1.22
CA GLN B 399 -12.95 -4.19 0.26
C GLN B 399 -12.24 -4.15 -1.08
N VAL B 400 -11.66 -3.00 -1.41
CA VAL B 400 -10.82 -2.89 -2.61
C VAL B 400 -9.62 -3.80 -2.45
N ALA B 401 -9.00 -3.75 -1.27
CA ALA B 401 -7.83 -4.57 -0.95
C ALA B 401 -8.07 -6.05 -1.22
N ASN B 402 -9.27 -6.52 -0.91
CA ASN B 402 -9.66 -7.89 -1.21
C ASN B 402 -9.84 -8.11 -2.71
N GLU B 403 -10.38 -7.12 -3.39
CA GLU B 403 -10.62 -7.21 -4.83
C GLU B 403 -9.33 -7.11 -5.64
N THR B 404 -8.39 -6.31 -5.15
CA THR B 404 -7.10 -6.17 -5.82
C THR B 404 -6.15 -7.31 -5.42
N HIS B 405 -5.67 -8.05 -6.41
CA HIS B 405 -4.78 -9.18 -6.17
C HIS B 405 -3.44 -9.00 -6.88
N GLY B 406 -2.41 -9.69 -6.38
CA GLY B 406 -1.12 -9.71 -7.05
C GLY B 406 -0.50 -8.35 -7.27
N HIS B 407 -1.06 -7.35 -6.59
CA HIS B 407 -0.63 -5.98 -6.74
C HIS B 407 0.50 -5.68 -5.78
N VAL B 408 1.60 -5.18 -6.33
CA VAL B 408 2.68 -4.67 -5.50
C VAL B 408 2.42 -3.19 -5.25
N GLY B 409 3.29 -2.54 -4.49
CA GLY B 409 3.09 -1.15 -4.11
C GLY B 409 2.95 -0.20 -5.29
N ALA B 410 3.74 -0.41 -6.32
CA ALA B 410 3.72 0.44 -7.51
C ALA B 410 2.38 0.35 -8.26
N ASP B 411 1.77 -0.83 -8.20
CA ASP B 411 0.49 -1.06 -8.88
C ASP B 411 -0.66 -0.36 -8.15
N LEU B 412 -0.73 -0.52 -6.83
CA LEU B 412 -1.77 0.12 -6.04
C LEU B 412 -1.61 1.65 -6.07
N ALA B 413 -0.36 2.11 -6.12
CA ALA B 413 -0.07 3.53 -6.26
C ALA B 413 -0.58 4.03 -7.61
N ALA B 414 -0.37 3.22 -8.65
CA ALA B 414 -0.86 3.53 -9.98
C ALA B 414 -2.39 3.44 -10.03
N LEU B 415 -2.94 2.54 -9.21
CA LEU B 415 -4.39 2.38 -9.11
C LEU B 415 -5.05 3.63 -8.55
N CYS B 416 -4.54 4.10 -7.41
CA CYS B 416 -5.08 5.28 -6.76
C CYS B 416 -4.87 6.52 -7.62
N SER B 417 -3.76 6.55 -8.36
CA SER B 417 -3.47 7.65 -9.26
C SER B 417 -4.48 7.71 -10.40
N GLU B 418 -4.76 6.56 -10.99
CA GLU B 418 -5.71 6.46 -12.09
C GLU B 418 -7.13 6.80 -11.62
N ALA B 419 -7.54 6.17 -10.53
CA ALA B 419 -8.87 6.39 -9.97
C ALA B 419 -9.11 7.86 -9.63
N ALA B 420 -8.04 8.55 -9.23
CA ALA B 420 -8.11 9.97 -8.95
C ALA B 420 -8.42 10.74 -10.23
N LEU B 421 -7.73 10.39 -11.32
CA LEU B 421 -7.91 11.04 -12.60
C LEU B 421 -9.33 10.90 -13.14
N GLN B 422 -9.92 9.73 -12.96
CA GLN B 422 -11.27 9.44 -13.44
C GLN B 422 -12.29 10.46 -12.93
N ALA B 423 -12.18 10.82 -11.65
CA ALA B 423 -13.04 11.83 -11.06
C ALA B 423 -12.76 13.21 -11.68
N ILE B 424 -11.49 13.48 -11.94
CA ILE B 424 -11.07 14.72 -12.58
C ILE B 424 -11.56 14.76 -14.02
N ARG B 425 -11.71 13.59 -14.62
CA ARG B 425 -12.19 13.48 -16.01
C ARG B 425 -13.63 13.96 -16.15
N LYS B 426 -14.30 14.25 -15.03
CA LYS B 426 -15.58 14.93 -15.09
C LYS B 426 -15.29 16.43 -14.97
N LYS B 427 -15.45 17.12 -16.09
CA LYS B 427 -15.06 18.52 -16.28
C LYS B 427 -15.04 18.81 -17.77
N ASP B 435 -8.45 24.48 -18.09
CA ASP B 435 -7.13 25.10 -18.03
C ASP B 435 -6.04 24.05 -17.86
N GLU B 436 -4.79 24.48 -18.02
CA GLU B 436 -3.64 23.65 -17.70
C GLU B 436 -3.31 23.86 -16.22
N THR B 437 -3.90 24.91 -15.65
CA THR B 437 -3.73 25.21 -14.23
C THR B 437 -5.11 25.25 -13.57
N ILE B 438 -5.27 24.45 -12.52
CA ILE B 438 -6.60 24.20 -11.95
C ILE B 438 -6.89 25.00 -10.68
N ASP B 439 -8.16 25.40 -10.52
CA ASP B 439 -8.61 26.09 -9.32
C ASP B 439 -8.47 25.17 -8.10
N ALA B 440 -7.86 25.69 -7.04
CA ALA B 440 -7.56 24.91 -5.84
C ALA B 440 -8.82 24.50 -5.08
N GLU B 441 -9.86 25.32 -5.16
CA GLU B 441 -11.10 25.07 -4.43
C GLU B 441 -11.85 23.84 -4.94
N VAL B 442 -12.10 23.81 -6.25
CA VAL B 442 -12.84 22.72 -6.86
C VAL B 442 -12.05 21.41 -6.85
N MET B 443 -10.73 21.52 -6.94
CA MET B 443 -9.85 20.36 -6.92
C MET B 443 -9.89 19.72 -5.54
N ASN B 444 -10.04 20.55 -4.53
CA ASN B 444 -10.11 20.08 -3.14
C ASN B 444 -11.48 19.51 -2.80
N SER B 445 -12.51 20.08 -3.40
CA SER B 445 -13.89 19.66 -3.14
C SER B 445 -14.24 18.39 -3.93
N LEU B 446 -13.40 18.04 -4.89
CA LEU B 446 -13.62 16.86 -5.71
C LEU B 446 -13.50 15.58 -4.88
N ALA B 447 -14.53 14.74 -4.96
CA ALA B 447 -14.55 13.48 -4.22
C ALA B 447 -14.37 12.30 -5.15
N VAL B 448 -13.59 11.31 -4.71
CA VAL B 448 -13.38 10.09 -5.48
C VAL B 448 -14.32 9.00 -4.98
N THR B 449 -15.15 8.46 -5.87
CA THR B 449 -16.12 7.46 -5.49
C THR B 449 -15.57 6.04 -5.63
N MET B 450 -16.38 5.06 -5.24
CA MET B 450 -16.00 3.66 -5.35
C MET B 450 -16.06 3.23 -6.81
N ASP B 451 -17.02 3.81 -7.53
CA ASP B 451 -17.18 3.53 -8.96
C ASP B 451 -15.93 3.97 -9.72
N ASP B 452 -15.32 5.06 -9.27
CA ASP B 452 -14.08 5.55 -9.86
C ASP B 452 -12.97 4.50 -9.70
N PHE B 453 -12.96 3.83 -8.55
CA PHE B 453 -12.00 2.77 -8.29
C PHE B 453 -12.33 1.51 -9.09
N ARG B 454 -13.60 1.12 -9.07
CA ARG B 454 -14.06 -0.03 -9.84
C ARG B 454 -13.74 0.14 -11.32
N TRP B 455 -13.93 1.37 -11.80
CA TRP B 455 -13.51 1.75 -13.15
C TRP B 455 -12.01 1.50 -13.34
N ALA B 456 -11.21 2.21 -12.57
CA ALA B 456 -9.75 2.12 -12.66
C ALA B 456 -9.21 0.70 -12.49
N LEU B 457 -9.86 -0.07 -11.62
CA LEU B 457 -9.48 -1.46 -11.41
C LEU B 457 -9.84 -2.29 -12.64
N SER B 458 -10.89 -1.85 -13.35
CA SER B 458 -11.37 -2.54 -14.54
C SER B 458 -10.60 -2.13 -15.79
N GLN B 459 -10.66 -0.85 -16.11
CA GLN B 459 -10.23 -0.28 -17.39
C GLN B 459 -8.91 -0.86 -17.91
N SER B 460 -7.83 -0.64 -17.19
CA SER B 460 -6.54 -1.20 -17.58
C SER B 460 -6.00 -2.16 -16.53
N ASN B 461 -5.97 -3.45 -16.87
CA ASN B 461 -5.17 -4.48 -16.19
C ASN B 461 -5.45 -5.85 -16.78
N PRO B 462 -4.41 -6.68 -16.89
CA PRO B 462 -4.51 -8.11 -17.17
C PRO B 462 -4.90 -8.86 -15.87
N SER B 463 -5.13 -10.18 -15.81
CA SER B 463 -4.81 -11.25 -16.79
C SER B 463 -3.31 -11.45 -16.95
N ALA B 464 -2.56 -11.05 -15.92
CA ALA B 464 -1.13 -11.32 -15.81
C ALA B 464 -0.90 -12.06 -14.50
N LEU B 465 0.16 -12.86 -14.48
CA LEU B 465 0.42 -13.80 -13.39
C LEU B 465 -0.83 -14.53 -12.90
N ARG B 466 -1.68 -15.15 -13.75
CA ARG B 466 -1.49 -15.85 -15.05
C ARG B 466 -0.94 -17.27 -14.88
N GLU B 467 -0.32 -17.52 -13.73
CA GLU B 467 0.04 -18.87 -13.28
C GLU B 467 0.48 -19.80 -14.41
N THR B 468 1.60 -19.47 -15.04
CA THR B 468 2.04 -20.19 -16.23
C THR B 468 2.39 -21.63 -15.90
N VAL B 469 1.81 -22.55 -16.66
CA VAL B 469 1.87 -23.96 -16.32
C VAL B 469 2.47 -24.81 -17.45
N VAL B 470 3.47 -25.62 -17.10
CA VAL B 470 4.04 -26.59 -18.05
C VAL B 470 3.09 -27.77 -18.17
N GLU B 471 2.91 -28.27 -19.39
CA GLU B 471 1.99 -29.38 -19.63
C GLU B 471 2.44 -30.31 -20.75
N VAL B 472 1.95 -31.55 -20.71
CA VAL B 472 2.24 -32.52 -21.75
C VAL B 472 0.93 -33.03 -22.34
N PRO B 473 0.49 -32.39 -23.44
CA PRO B 473 -0.82 -32.64 -24.05
C PRO B 473 -0.94 -34.04 -24.62
N GLN B 474 -2.12 -34.63 -24.46
CA GLN B 474 -2.40 -35.96 -24.96
C GLN B 474 -3.06 -35.91 -26.35
N VAL B 475 -3.21 -34.69 -26.87
CA VAL B 475 -3.79 -34.47 -28.19
C VAL B 475 -2.93 -35.16 -29.26
N THR B 476 -3.59 -35.78 -30.23
CA THR B 476 -2.89 -36.37 -31.37
C THR B 476 -3.41 -35.78 -32.67
N TRP B 477 -2.86 -36.21 -33.79
CA TRP B 477 -3.31 -35.73 -35.09
C TRP B 477 -4.72 -36.24 -35.38
N GLU B 478 -5.05 -37.38 -34.79
CA GLU B 478 -6.35 -38.00 -34.96
C GLU B 478 -7.48 -37.12 -34.43
N ASP B 479 -7.24 -36.51 -33.27
CA ASP B 479 -8.23 -35.68 -32.61
C ASP B 479 -8.59 -34.44 -33.42
N ILE B 480 -7.70 -34.03 -34.31
CA ILE B 480 -7.94 -32.87 -35.16
C ILE B 480 -8.60 -33.27 -36.47
N GLY B 481 -9.82 -32.80 -36.69
CA GLY B 481 -10.53 -33.10 -37.92
C GLY B 481 -10.10 -32.18 -39.05
N GLY B 482 -10.06 -32.72 -40.27
CA GLY B 482 -9.66 -31.95 -41.43
C GLY B 482 -8.24 -31.45 -41.34
N LEU B 483 -7.93 -30.39 -42.08
CA LEU B 483 -6.60 -29.78 -42.10
C LEU B 483 -5.51 -30.78 -42.48
N GLU B 484 -5.88 -31.75 -43.31
CA GLU B 484 -4.95 -32.80 -43.73
C GLU B 484 -3.77 -32.25 -44.53
N ASP B 485 -4.04 -31.25 -45.37
CA ASP B 485 -3.00 -30.59 -46.13
C ASP B 485 -1.99 -29.92 -45.20
N VAL B 486 -2.51 -29.37 -44.10
CA VAL B 486 -1.69 -28.73 -43.09
C VAL B 486 -0.93 -29.75 -42.24
N LYS B 487 -1.64 -30.82 -41.86
CA LYS B 487 -1.07 -31.88 -41.04
C LYS B 487 0.18 -32.48 -41.67
N ARG B 488 0.08 -32.84 -42.94
CA ARG B 488 1.20 -33.41 -43.69
C ARG B 488 2.41 -32.46 -43.68
N GLU B 489 2.16 -31.18 -43.95
CA GLU B 489 3.20 -30.16 -43.91
C GLU B 489 3.92 -30.13 -42.57
N LEU B 490 3.16 -30.06 -41.48
CA LEU B 490 3.73 -30.05 -40.14
C LEU B 490 4.48 -31.34 -39.83
N GLN B 491 3.93 -32.46 -40.30
CA GLN B 491 4.55 -33.76 -40.09
C GLN B 491 5.90 -33.89 -40.78
N GLU B 492 6.10 -33.14 -41.86
CA GLU B 492 7.36 -33.17 -42.59
C GLU B 492 8.43 -32.33 -41.90
N LEU B 493 8.02 -31.19 -41.37
CA LEU B 493 8.95 -30.21 -40.79
C LEU B 493 9.78 -30.79 -39.64
N VAL B 494 9.15 -31.62 -38.83
CA VAL B 494 9.84 -32.38 -37.80
C VAL B 494 9.78 -33.85 -38.23
N GLN B 495 10.37 -34.74 -37.44
CA GLN B 495 10.41 -36.17 -37.74
C GLN B 495 10.92 -36.50 -39.15
N LYS B 513 12.23 -23.27 -38.32
CA LYS B 513 12.73 -22.75 -37.05
C LYS B 513 11.59 -22.21 -36.19
N GLY B 514 10.46 -21.93 -36.83
CA GLY B 514 9.28 -21.44 -36.14
C GLY B 514 8.06 -21.41 -37.03
N VAL B 515 6.89 -21.30 -36.40
CA VAL B 515 5.62 -21.35 -37.13
C VAL B 515 4.63 -20.32 -36.62
N LEU B 516 3.98 -19.61 -37.55
CA LEU B 516 2.90 -18.69 -37.19
C LEU B 516 1.58 -19.18 -37.74
N PHE B 517 0.68 -19.60 -36.85
CA PHE B 517 -0.66 -19.98 -37.25
C PHE B 517 -1.55 -18.75 -37.31
N TYR B 518 -2.33 -18.62 -38.38
CA TYR B 518 -3.27 -17.51 -38.52
C TYR B 518 -4.53 -17.95 -39.25
N GLY B 519 -5.65 -17.35 -38.86
CA GLY B 519 -6.95 -17.67 -39.43
C GLY B 519 -8.06 -17.33 -38.44
N PRO B 520 -9.31 -17.61 -38.82
CA PRO B 520 -10.47 -17.37 -37.95
C PRO B 520 -10.33 -18.11 -36.62
N PRO B 521 -10.73 -17.47 -35.51
CA PRO B 521 -10.57 -18.11 -34.20
C PRO B 521 -11.45 -19.34 -34.01
N GLY B 522 -10.91 -20.42 -33.47
CA GLY B 522 -11.70 -21.59 -33.10
C GLY B 522 -11.66 -22.74 -34.10
N CYS B 523 -10.80 -22.61 -35.12
CA CYS B 523 -10.59 -23.59 -36.19
C CYS B 523 -9.44 -24.59 -35.95
N GLY B 524 -8.84 -24.58 -34.75
CA GLY B 524 -7.80 -25.54 -34.44
C GLY B 524 -6.35 -25.07 -34.41
N LYS B 525 -6.12 -23.76 -34.34
CA LYS B 525 -4.77 -23.21 -34.16
C LYS B 525 -4.04 -23.87 -32.99
N THR B 526 -4.68 -23.86 -31.83
CA THR B 526 -4.06 -24.36 -30.60
C THR B 526 -3.92 -25.87 -30.61
N LEU B 527 -4.93 -26.57 -31.14
CA LEU B 527 -4.91 -28.03 -31.21
C LEU B 527 -3.71 -28.55 -32.00
N LEU B 528 -3.38 -27.87 -33.09
CA LEU B 528 -2.24 -28.23 -33.92
C LEU B 528 -0.94 -28.11 -33.15
N ALA B 529 -0.82 -27.03 -32.36
CA ALA B 529 0.38 -26.78 -31.56
C ALA B 529 0.69 -27.93 -30.62
N LYS B 530 -0.36 -28.50 -30.02
CA LYS B 530 -0.21 -29.61 -29.07
C LYS B 530 0.07 -30.93 -29.78
N ALA B 531 -0.59 -31.14 -30.92
CA ALA B 531 -0.35 -32.31 -31.74
C ALA B 531 1.13 -32.41 -32.10
N ILE B 532 1.76 -31.26 -32.30
CA ILE B 532 3.19 -31.18 -32.52
C ILE B 532 3.97 -31.59 -31.26
N ALA B 533 3.63 -30.98 -30.13
CA ALA B 533 4.29 -31.26 -28.87
C ALA B 533 4.22 -32.74 -28.49
N ASN B 534 3.09 -33.37 -28.82
CA ASN B 534 2.90 -34.80 -28.56
C ASN B 534 3.74 -35.66 -29.51
N GLU B 535 3.73 -35.31 -30.78
CA GLU B 535 4.48 -36.05 -31.79
C GLU B 535 5.98 -35.89 -31.59
N CYS B 536 6.39 -34.68 -31.23
CA CYS B 536 7.79 -34.40 -30.95
C CYS B 536 8.15 -34.87 -29.55
N GLN B 537 7.14 -35.32 -28.82
CA GLN B 537 7.30 -35.85 -27.47
C GLN B 537 7.96 -34.83 -26.56
N ALA B 538 7.44 -33.60 -26.61
CA ALA B 538 8.02 -32.50 -25.83
C ALA B 538 6.99 -31.88 -24.90
N ASN B 539 7.44 -30.93 -24.09
CA ASN B 539 6.56 -30.19 -23.19
C ASN B 539 5.83 -29.07 -23.93
N PHE B 540 4.66 -28.70 -23.43
CA PHE B 540 3.89 -27.62 -24.05
C PHE B 540 3.67 -26.48 -23.06
N ILE B 541 3.83 -25.24 -23.54
CA ILE B 541 3.58 -24.07 -22.72
C ILE B 541 2.69 -23.08 -23.47
N SER B 542 1.50 -22.83 -22.92
CA SER B 542 0.55 -21.90 -23.53
C SER B 542 0.58 -20.55 -22.82
N ILE B 543 0.79 -19.49 -23.57
CA ILE B 543 0.78 -18.14 -23.01
C ILE B 543 0.09 -17.13 -23.92
N LYS B 544 -0.88 -16.41 -23.37
CA LYS B 544 -1.53 -15.33 -24.10
C LYS B 544 -0.68 -14.08 -24.08
N GLY B 545 -0.85 -13.22 -25.08
CA GLY B 545 -0.06 -12.01 -25.23
C GLY B 545 0.06 -11.08 -24.03
N PRO B 546 -1.08 -10.65 -23.46
CA PRO B 546 -1.04 -9.69 -22.35
C PRO B 546 -0.34 -10.24 -21.10
N GLU B 547 -0.18 -11.56 -21.01
CA GLU B 547 0.53 -12.16 -19.88
C GLU B 547 2.00 -11.73 -19.85
N LEU B 548 2.51 -11.33 -21.02
CA LEU B 548 3.85 -10.75 -21.11
C LEU B 548 3.85 -9.38 -20.46
N LEU B 549 2.83 -8.59 -20.77
CA LEU B 549 2.68 -7.26 -20.21
C LEU B 549 2.30 -7.34 -18.74
N THR B 550 2.58 -6.28 -17.99
CA THR B 550 2.14 -6.19 -16.61
C THR B 550 0.77 -5.54 -16.53
N MET B 551 0.38 -5.20 -15.30
CA MET B 551 -0.82 -4.42 -15.08
C MET B 551 -0.63 -3.04 -15.69
N TRP B 552 -1.75 -2.43 -16.09
CA TRP B 552 -1.73 -1.13 -16.77
C TRP B 552 -0.99 -1.25 -18.10
N PHE B 553 -0.92 -2.49 -18.59
CA PHE B 553 -0.34 -2.83 -19.88
C PHE B 553 1.03 -2.20 -20.08
N GLY B 554 1.86 -2.26 -19.04
CA GLY B 554 3.19 -1.67 -19.09
C GLY B 554 4.07 -2.32 -20.13
N GLU B 555 4.64 -1.49 -21.00
CA GLU B 555 5.51 -1.98 -22.07
C GLU B 555 6.74 -2.67 -21.50
N SER B 556 7.20 -2.21 -20.35
CA SER B 556 8.35 -2.80 -19.69
C SER B 556 7.98 -4.19 -19.21
N GLU B 557 8.73 -5.20 -19.64
CA GLU B 557 8.48 -6.57 -19.21
C GLU B 557 9.78 -7.28 -18.84
N ALA B 558 9.92 -7.61 -17.56
CA ALA B 558 11.02 -8.45 -17.11
C ALA B 558 10.66 -9.90 -17.38
N ASN B 559 9.36 -10.18 -17.28
CA ASN B 559 8.85 -11.53 -17.44
C ASN B 559 8.99 -12.14 -18.84
N VAL B 560 9.23 -11.29 -19.85
CA VAL B 560 9.41 -11.75 -21.22
C VAL B 560 10.43 -12.88 -21.32
N ARG B 561 11.59 -12.67 -20.70
CA ARG B 561 12.63 -13.69 -20.67
C ARG B 561 12.24 -14.82 -19.71
N GLU B 562 11.45 -14.49 -18.70
CA GLU B 562 11.05 -15.45 -17.68
C GLU B 562 10.25 -16.63 -18.26
N ILE B 563 9.40 -16.34 -19.25
CA ILE B 563 8.74 -17.40 -20.01
C ILE B 563 9.79 -18.28 -20.69
N PHE B 564 10.69 -17.65 -21.45
CA PHE B 564 11.72 -18.38 -22.16
C PHE B 564 12.59 -19.21 -21.20
N ASP B 565 12.82 -18.67 -20.01
CA ASP B 565 13.58 -19.38 -18.98
C ASP B 565 12.94 -20.72 -18.61
N LYS B 566 11.64 -20.70 -18.35
CA LYS B 566 10.93 -21.94 -18.05
C LYS B 566 10.74 -22.78 -19.31
N ALA B 567 10.67 -22.10 -20.45
CA ALA B 567 10.62 -22.78 -21.73
C ALA B 567 11.95 -23.50 -21.92
N ARG B 568 13.00 -22.93 -21.34
CA ARG B 568 14.32 -23.56 -21.31
C ARG B 568 14.45 -24.59 -20.19
N GLN B 569 13.86 -24.30 -19.03
CA GLN B 569 13.86 -25.23 -17.90
C GLN B 569 13.34 -26.59 -18.34
N ALA B 570 12.15 -26.59 -18.92
CA ALA B 570 11.62 -27.77 -19.56
C ALA B 570 12.34 -27.92 -20.90
N ALA B 571 12.46 -29.16 -21.36
CA ALA B 571 13.12 -29.47 -22.63
C ALA B 571 13.02 -30.95 -22.96
N PRO B 572 12.71 -31.27 -24.23
CA PRO B 572 12.33 -30.29 -25.25
C PRO B 572 10.96 -29.69 -24.96
N CYS B 573 10.72 -28.48 -25.44
CA CYS B 573 9.48 -27.78 -25.14
C CYS B 573 8.96 -26.98 -26.32
N VAL B 574 7.64 -26.85 -26.41
CA VAL B 574 7.02 -26.04 -27.45
C VAL B 574 6.41 -24.79 -26.85
N LEU B 575 7.02 -23.64 -27.13
CA LEU B 575 6.51 -22.38 -26.63
C LEU B 575 5.44 -21.84 -27.56
N PHE B 576 4.23 -21.66 -27.02
CA PHE B 576 3.10 -21.25 -27.82
C PHE B 576 2.58 -19.88 -27.40
N PHE B 577 2.73 -18.89 -28.28
CA PHE B 577 2.19 -17.57 -28.02
C PHE B 577 0.79 -17.45 -28.61
N ASP B 578 -0.21 -17.37 -27.75
CA ASP B 578 -1.58 -17.20 -28.19
C ASP B 578 -1.88 -15.71 -28.25
N GLU B 579 -2.56 -15.29 -29.32
CA GLU B 579 -2.89 -13.88 -29.54
C GLU B 579 -1.65 -12.99 -29.51
N LEU B 580 -0.79 -13.15 -30.52
CA LEU B 580 0.40 -12.32 -30.66
C LEU B 580 0.02 -10.87 -30.97
N ASP B 581 -1.17 -10.70 -31.53
CA ASP B 581 -1.69 -9.37 -31.85
C ASP B 581 -2.02 -8.59 -30.57
N SER B 582 -2.17 -9.31 -29.46
CA SER B 582 -2.50 -8.70 -28.18
C SER B 582 -1.30 -8.01 -27.53
N ILE B 583 -0.12 -8.20 -28.11
CA ILE B 583 1.11 -7.58 -27.62
C ILE B 583 0.97 -6.06 -27.58
N ALA B 584 0.37 -5.50 -28.63
CA ALA B 584 -0.02 -4.10 -28.62
C ALA B 584 -0.96 -3.90 -27.43
N LYS B 585 -0.64 -2.94 -26.57
CA LYS B 585 -1.34 -2.75 -25.30
C LYS B 585 -2.85 -2.58 -25.50
N ASP B 599 7.03 -0.95 -30.57
CA ASP B 599 7.22 -0.79 -29.13
C ASP B 599 8.48 -1.50 -28.64
N ARG B 600 8.71 -1.46 -27.33
CA ARG B 600 9.90 -2.06 -26.73
C ARG B 600 9.82 -3.58 -26.67
N VAL B 601 8.64 -4.10 -26.34
CA VAL B 601 8.47 -5.54 -26.13
C VAL B 601 8.85 -6.42 -27.33
N ILE B 602 8.44 -6.02 -28.54
CA ILE B 602 8.67 -6.84 -29.74
C ILE B 602 10.14 -7.21 -29.95
N ASN B 603 11.02 -6.23 -29.82
CA ASN B 603 12.46 -6.45 -29.97
C ASN B 603 13.02 -7.45 -28.97
N GLN B 604 12.83 -7.14 -27.68
CA GLN B 604 13.37 -7.94 -26.59
C GLN B 604 12.91 -9.39 -26.67
N ILE B 605 11.80 -9.61 -27.37
CA ILE B 605 11.34 -10.96 -27.71
C ILE B 605 12.29 -11.57 -28.75
N LEU B 606 12.55 -10.84 -29.83
CA LEU B 606 13.46 -11.32 -30.89
C LEU B 606 14.86 -11.65 -30.36
N THR B 607 15.34 -10.86 -29.40
CA THR B 607 16.66 -11.08 -28.80
C THR B 607 16.72 -12.44 -28.11
N GLU B 608 15.83 -12.62 -27.13
CA GLU B 608 15.74 -13.84 -26.33
C GLU B 608 15.62 -15.06 -27.23
N MET B 609 14.72 -14.92 -28.19
CA MET B 609 14.47 -15.89 -29.24
C MET B 609 15.75 -16.41 -29.89
N ASP B 610 16.46 -15.51 -30.57
CA ASP B 610 17.68 -15.85 -31.28
C ASP B 610 18.77 -16.36 -30.34
N GLY B 611 18.70 -15.94 -29.08
CA GLY B 611 19.71 -16.30 -28.09
C GLY B 611 19.89 -17.79 -27.86
N MET B 612 18.89 -18.58 -28.24
CA MET B 612 18.96 -20.04 -28.07
C MET B 612 18.48 -20.79 -29.30
N SER B 613 19.10 -21.93 -29.57
CA SER B 613 18.69 -22.82 -30.66
C SER B 613 18.70 -22.13 -32.02
N ASN B 617 17.20 -27.12 -27.07
CA ASN B 617 16.27 -27.06 -28.19
C ASN B 617 14.86 -26.69 -27.72
N VAL B 618 14.44 -25.48 -28.05
CA VAL B 618 13.10 -25.01 -27.71
C VAL B 618 12.36 -24.55 -28.97
N PHE B 619 11.20 -25.13 -29.23
CA PHE B 619 10.43 -24.78 -30.41
C PHE B 619 9.36 -23.74 -30.10
N ILE B 620 9.16 -22.81 -31.03
CA ILE B 620 8.31 -21.66 -30.78
C ILE B 620 7.20 -21.50 -31.84
N ILE B 621 5.97 -21.37 -31.38
CA ILE B 621 4.80 -21.25 -32.26
C ILE B 621 3.91 -20.07 -31.89
N GLY B 622 3.74 -19.14 -32.81
CA GLY B 622 2.81 -18.03 -32.61
C GLY B 622 1.45 -18.33 -33.19
N ALA B 623 0.42 -17.68 -32.65
CA ALA B 623 -0.94 -17.83 -33.16
C ALA B 623 -1.71 -16.51 -33.07
N THR B 624 -2.42 -16.17 -34.14
CA THR B 624 -3.20 -14.94 -34.16
C THR B 624 -4.45 -15.04 -35.03
N ASN B 625 -5.52 -14.38 -34.60
CA ASN B 625 -6.73 -14.26 -35.39
C ASN B 625 -6.77 -12.93 -36.15
N ARG B 626 -5.75 -12.11 -35.93
CA ARG B 626 -5.65 -10.81 -36.57
C ARG B 626 -4.20 -10.52 -36.97
N PRO B 627 -3.69 -11.25 -37.97
CA PRO B 627 -2.27 -11.22 -38.36
C PRO B 627 -1.87 -9.90 -39.02
N ASP B 628 -2.84 -9.13 -39.50
CA ASP B 628 -2.56 -7.90 -40.23
C ASP B 628 -1.79 -6.87 -39.42
N ILE B 629 -2.01 -6.85 -38.11
CA ILE B 629 -1.37 -5.87 -37.24
C ILE B 629 -0.09 -6.38 -36.59
N ILE B 630 0.25 -7.65 -36.86
CA ILE B 630 1.49 -8.22 -36.35
C ILE B 630 2.70 -7.60 -37.05
N ASP B 631 3.63 -7.08 -36.27
CA ASP B 631 4.85 -6.49 -36.82
C ASP B 631 5.66 -7.54 -37.56
N PRO B 632 5.89 -7.31 -38.87
CA PRO B 632 6.51 -8.27 -39.79
C PRO B 632 7.96 -8.61 -39.44
N ALA B 633 8.59 -7.80 -38.60
CA ALA B 633 9.97 -8.04 -38.17
C ALA B 633 10.11 -9.37 -37.45
N ILE B 634 9.03 -9.79 -36.78
CA ILE B 634 9.02 -11.08 -36.10
C ILE B 634 8.94 -12.21 -37.12
N LEU B 635 8.61 -11.87 -38.36
CA LEU B 635 8.38 -12.87 -39.39
C LEU B 635 9.53 -13.15 -40.36
N ARG B 636 10.68 -12.49 -40.14
CA ARG B 636 11.85 -12.71 -40.97
C ARG B 636 12.23 -14.18 -41.05
N PRO B 637 12.59 -14.67 -42.24
CA PRO B 637 12.84 -16.09 -42.54
C PRO B 637 13.79 -16.74 -41.54
N GLY B 638 14.78 -16.00 -41.06
CA GLY B 638 15.73 -16.51 -40.10
C GLY B 638 15.07 -16.92 -38.79
N ARG B 639 13.97 -16.26 -38.45
CA ARG B 639 13.27 -16.57 -37.20
C ARG B 639 12.20 -17.65 -37.39
N LEU B 640 11.12 -17.33 -38.08
CA LEU B 640 10.10 -18.34 -38.35
C LEU B 640 9.74 -18.41 -39.84
N ASP B 641 10.04 -19.54 -40.46
CA ASP B 641 9.79 -19.67 -41.89
C ASP B 641 8.31 -19.84 -42.16
N GLN B 642 7.75 -20.96 -41.71
CA GLN B 642 6.40 -21.35 -42.07
C GLN B 642 5.30 -20.41 -41.55
N LEU B 643 4.48 -19.92 -42.48
CA LEU B 643 3.26 -19.21 -42.17
C LEU B 643 2.11 -20.10 -42.62
N ILE B 644 1.37 -20.64 -41.66
CA ILE B 644 0.34 -21.61 -41.97
C ILE B 644 -1.06 -21.03 -41.77
N TYR B 645 -1.84 -21.04 -42.84
CA TYR B 645 -3.21 -20.55 -42.78
C TYR B 645 -4.18 -21.66 -42.49
N ILE B 646 -4.94 -21.49 -41.42
CA ILE B 646 -5.95 -22.46 -41.05
C ILE B 646 -7.34 -21.84 -41.29
N PRO B 647 -8.04 -22.35 -42.29
CA PRO B 647 -9.34 -21.77 -42.65
C PRO B 647 -10.47 -22.38 -41.84
N LEU B 648 -11.69 -21.91 -42.08
CA LEU B 648 -12.87 -22.54 -41.50
C LEU B 648 -12.94 -23.95 -42.08
N PRO B 649 -13.35 -24.92 -41.25
CA PRO B 649 -13.41 -26.32 -41.74
C PRO B 649 -14.39 -26.46 -42.89
N ASP B 650 -13.96 -27.11 -43.96
CA ASP B 650 -14.81 -27.28 -45.14
C ASP B 650 -15.92 -28.27 -44.84
N GLU B 651 -16.77 -28.52 -45.84
CA GLU B 651 -17.93 -29.38 -45.65
C GLU B 651 -17.56 -30.78 -45.18
N LYS B 652 -16.52 -31.36 -45.76
CA LYS B 652 -16.03 -32.66 -45.33
C LYS B 652 -15.44 -32.62 -43.92
N SER B 653 -14.60 -31.61 -43.67
CA SER B 653 -13.96 -31.46 -42.37
C SER B 653 -14.99 -31.35 -41.25
N ARG B 654 -16.07 -30.63 -41.51
CA ARG B 654 -17.14 -30.47 -40.53
C ARG B 654 -17.81 -31.81 -40.20
N VAL B 655 -18.00 -32.66 -41.21
CA VAL B 655 -18.55 -33.99 -41.00
C VAL B 655 -17.66 -34.79 -40.05
N ALA B 656 -16.35 -34.75 -40.31
CA ALA B 656 -15.38 -35.45 -39.48
C ALA B 656 -15.38 -34.91 -38.05
N ILE B 657 -15.50 -33.59 -37.91
CA ILE B 657 -15.56 -32.95 -36.60
C ILE B 657 -16.83 -33.34 -35.86
N LEU B 658 -17.97 -33.20 -36.52
CA LEU B 658 -19.27 -33.53 -35.94
C LEU B 658 -19.34 -35.00 -35.52
N LYS B 659 -18.84 -35.88 -36.37
CA LYS B 659 -18.77 -37.30 -36.08
C LYS B 659 -17.96 -37.54 -34.80
N ALA B 660 -16.74 -37.00 -34.79
CA ALA B 660 -15.82 -37.11 -33.65
C ALA B 660 -16.46 -36.74 -32.32
N ASN B 661 -17.31 -35.72 -32.33
CA ASN B 661 -18.01 -35.29 -31.13
C ASN B 661 -19.21 -36.17 -30.79
N LEU B 662 -19.92 -36.64 -31.82
CA LEU B 662 -21.15 -37.40 -31.62
C LEU B 662 -20.91 -38.90 -31.37
N ARG B 663 -19.66 -39.32 -31.42
CA ARG B 663 -19.32 -40.72 -31.22
C ARG B 663 -19.48 -41.12 -29.75
N LYS B 664 -19.61 -40.13 -28.87
CA LYS B 664 -19.66 -40.37 -27.43
C LYS B 664 -21.07 -40.63 -26.91
N SER B 665 -22.09 -40.36 -27.73
CA SER B 665 -23.48 -40.56 -27.31
C SER B 665 -24.39 -40.97 -28.48
N PRO B 666 -25.47 -41.72 -28.19
CA PRO B 666 -26.38 -42.26 -29.22
C PRO B 666 -26.95 -41.20 -30.16
N VAL B 667 -27.19 -41.58 -31.40
CA VAL B 667 -27.66 -40.65 -32.42
C VAL B 667 -28.88 -41.22 -33.17
N ALA B 668 -29.72 -40.33 -33.69
CA ALA B 668 -30.97 -40.71 -34.36
C ALA B 668 -30.74 -41.41 -35.70
N LYS B 669 -31.77 -42.06 -36.19
CA LYS B 669 -31.76 -42.69 -37.51
C LYS B 669 -31.92 -41.67 -38.64
N ASP B 670 -32.69 -40.63 -38.39
CA ASP B 670 -33.03 -39.64 -39.41
C ASP B 670 -31.94 -38.59 -39.63
N VAL B 671 -31.00 -38.48 -38.71
CA VAL B 671 -29.98 -37.43 -38.79
C VAL B 671 -28.96 -37.67 -39.90
N ASP B 672 -28.79 -36.66 -40.75
CA ASP B 672 -27.82 -36.73 -41.83
C ASP B 672 -26.64 -35.81 -41.50
N LEU B 673 -25.49 -36.42 -41.24
CA LEU B 673 -24.29 -35.68 -40.85
C LEU B 673 -23.83 -34.71 -41.93
N GLU B 674 -23.94 -35.14 -43.19
CA GLU B 674 -23.58 -34.29 -44.32
C GLU B 674 -24.50 -33.09 -44.40
N PHE B 675 -25.73 -33.24 -43.92
CA PHE B 675 -26.69 -32.15 -43.89
C PHE B 675 -26.37 -31.20 -42.74
N LEU B 676 -25.82 -31.75 -41.65
CA LEU B 676 -25.36 -30.94 -40.54
C LEU B 676 -24.19 -30.08 -40.99
N ALA B 677 -23.35 -30.64 -41.86
CA ALA B 677 -22.24 -29.91 -42.45
C ALA B 677 -22.74 -28.83 -43.40
N LYS B 678 -23.98 -28.97 -43.86
CA LYS B 678 -24.59 -27.97 -44.72
C LYS B 678 -25.14 -26.82 -43.89
N MET B 679 -26.11 -27.12 -43.02
CA MET B 679 -26.76 -26.13 -42.18
C MET B 679 -25.78 -25.37 -41.28
N THR B 680 -24.61 -25.95 -41.06
CA THR B 680 -23.52 -25.29 -40.37
C THR B 680 -22.32 -25.16 -41.32
N ASN B 681 -21.98 -23.94 -41.71
CA ASN B 681 -20.81 -23.70 -42.55
C ASN B 681 -19.82 -22.66 -41.99
N GLY B 682 -20.30 -21.44 -41.78
CA GLY B 682 -19.48 -20.38 -41.18
C GLY B 682 -19.03 -20.73 -39.77
N PHE B 683 -19.61 -21.82 -39.27
CA PHE B 683 -19.19 -22.45 -38.04
C PHE B 683 -17.70 -22.76 -38.01
N SER B 684 -17.10 -22.54 -36.84
CA SER B 684 -15.73 -22.94 -36.57
C SER B 684 -15.74 -24.24 -35.78
N GLY B 685 -14.57 -24.76 -35.44
CA GLY B 685 -14.47 -25.97 -34.65
C GLY B 685 -15.05 -25.79 -33.26
N ALA B 686 -14.84 -24.60 -32.70
CA ALA B 686 -15.38 -24.27 -31.38
C ALA B 686 -16.90 -24.29 -31.40
N ASP B 687 -17.48 -23.78 -32.48
CA ASP B 687 -18.94 -23.78 -32.64
C ASP B 687 -19.45 -25.20 -32.86
N LEU B 688 -18.75 -25.95 -33.72
CA LEU B 688 -19.12 -27.32 -34.03
C LEU B 688 -19.13 -28.23 -32.81
N THR B 689 -18.15 -28.03 -31.92
CA THR B 689 -18.08 -28.83 -30.70
C THR B 689 -19.11 -28.33 -29.68
N GLU B 690 -19.51 -27.07 -29.82
CA GLU B 690 -20.50 -26.48 -28.94
C GLU B 690 -21.92 -26.92 -29.30
N ILE B 691 -22.24 -26.86 -30.59
CA ILE B 691 -23.57 -27.18 -31.08
C ILE B 691 -23.94 -28.65 -30.79
N CYS B 692 -22.92 -29.49 -30.68
CA CYS B 692 -23.13 -30.90 -30.34
C CYS B 692 -23.41 -31.05 -28.85
N GLN B 693 -22.79 -30.20 -28.05
CA GLN B 693 -22.98 -30.23 -26.59
C GLN B 693 -24.38 -29.73 -26.21
N ARG B 694 -24.86 -28.72 -26.93
CA ARG B 694 -26.19 -28.19 -26.69
C ARG B 694 -27.25 -29.22 -27.07
N ALA B 695 -27.03 -29.88 -28.20
CA ALA B 695 -27.94 -30.92 -28.69
C ALA B 695 -28.13 -32.00 -27.64
N CYS B 696 -27.03 -32.44 -27.03
CA CYS B 696 -27.08 -33.42 -25.95
C CYS B 696 -27.84 -32.84 -24.76
N LYS B 697 -27.54 -31.59 -24.43
CA LYS B 697 -28.21 -30.91 -23.32
C LYS B 697 -29.72 -30.83 -23.53
N LEU B 698 -30.13 -30.59 -24.77
CA LEU B 698 -31.55 -30.56 -25.11
C LEU B 698 -32.12 -31.98 -25.11
N ALA B 699 -31.30 -32.93 -25.53
CA ALA B 699 -31.71 -34.33 -25.58
C ALA B 699 -31.93 -34.91 -24.19
N ILE B 700 -31.05 -34.55 -23.25
CA ILE B 700 -31.12 -35.07 -21.90
C ILE B 700 -32.25 -34.42 -21.08
N ARG B 701 -32.46 -33.12 -21.28
CA ARG B 701 -33.52 -32.40 -20.59
C ARG B 701 -34.88 -32.89 -21.05
N GLU B 702 -34.97 -33.25 -22.32
CA GLU B 702 -36.19 -33.80 -22.90
C GLU B 702 -36.48 -35.20 -22.36
N SER B 703 -35.42 -35.98 -22.17
CA SER B 703 -35.56 -37.36 -21.70
C SER B 703 -35.98 -37.40 -20.23
N ILE B 704 -35.36 -36.57 -19.40
CA ILE B 704 -35.66 -36.56 -17.96
C ILE B 704 -37.07 -36.06 -17.66
N GLU B 705 -37.52 -35.03 -18.37
CA GLU B 705 -38.88 -34.51 -18.18
C GLU B 705 -39.89 -35.55 -18.67
N SER B 706 -39.46 -36.39 -19.59
CA SER B 706 -40.25 -37.55 -20.00
C SER B 706 -40.12 -38.64 -18.94
N GLU B 707 -38.91 -38.79 -18.41
CA GLU B 707 -38.65 -39.80 -17.39
C GLU B 707 -39.33 -39.45 -16.08
N ILE B 708 -39.38 -38.15 -15.77
CA ILE B 708 -40.13 -37.66 -14.61
C ILE B 708 -41.63 -37.91 -14.82
N ARG B 709 -42.08 -37.67 -16.04
CA ARG B 709 -43.49 -37.84 -16.40
C ARG B 709 -43.99 -39.26 -16.12
N ARG B 710 -43.11 -40.25 -16.36
CA ARG B 710 -43.46 -41.64 -16.14
C ARG B 710 -43.50 -41.99 -14.66
N GLU B 711 -42.45 -41.61 -13.92
CA GLU B 711 -42.34 -41.87 -12.49
C GLU B 711 -43.60 -41.43 -11.74
N ARG B 712 -44.14 -40.30 -12.15
CA ARG B 712 -45.37 -39.77 -11.58
C ARG B 712 -46.58 -40.60 -12.01
N GLU B 713 -46.68 -40.91 -13.30
CA GLU B 713 -47.81 -41.66 -13.82
C GLU B 713 -47.88 -43.09 -13.30
N ARG B 714 -46.83 -43.51 -12.59
CA ARG B 714 -46.80 -44.83 -11.97
C ARG B 714 -47.39 -44.79 -10.56
N GLN B 715 -47.69 -43.59 -10.06
CA GLN B 715 -48.24 -43.42 -8.72
C GLN B 715 -49.60 -44.11 -8.56
N THR B 716 -50.36 -44.18 -9.64
CA THR B 716 -51.66 -44.85 -9.61
C THR B 716 -51.51 -46.35 -9.40
N ASN B 717 -50.67 -46.99 -10.21
CA ASN B 717 -50.43 -48.43 -10.08
C ASN B 717 -48.95 -48.79 -10.11
N PRO B 718 -48.28 -48.77 -8.94
CA PRO B 718 -46.87 -49.14 -8.83
C PRO B 718 -46.66 -50.63 -9.11
N SER B 719 -47.65 -51.43 -8.71
CA SER B 719 -47.54 -52.89 -8.78
C SER B 719 -47.46 -53.43 -10.20
N ALA B 720 -47.91 -52.64 -11.17
CA ALA B 720 -47.94 -53.08 -12.56
C ALA B 720 -46.54 -53.16 -13.16
N MET B 721 -46.20 -54.32 -13.70
CA MET B 721 -44.97 -54.47 -14.48
C MET B 721 -45.29 -54.99 -15.89
N GLU B 722 -44.74 -54.31 -16.90
CA GLU B 722 -44.96 -54.71 -18.28
C GLU B 722 -43.62 -55.05 -18.91
N VAL B 723 -43.43 -56.33 -19.23
CA VAL B 723 -42.16 -56.82 -19.74
C VAL B 723 -41.89 -56.37 -21.18
N GLU B 724 -42.90 -56.48 -22.04
CA GLU B 724 -42.76 -56.09 -23.44
C GLU B 724 -42.53 -54.58 -23.55
N GLU B 725 -43.11 -53.82 -22.63
CA GLU B 725 -42.85 -52.40 -22.53
C GLU B 725 -41.42 -52.22 -22.03
N ASP B 726 -40.61 -51.49 -22.80
CA ASP B 726 -39.20 -51.37 -22.49
C ASP B 726 -38.87 -49.94 -22.09
N ASP B 727 -37.61 -49.72 -21.72
CA ASP B 727 -37.18 -48.37 -21.34
C ASP B 727 -37.06 -47.49 -22.57
N PRO B 728 -37.60 -46.27 -22.50
CA PRO B 728 -37.47 -45.32 -23.61
C PRO B 728 -36.00 -44.99 -23.85
N VAL B 729 -35.57 -45.09 -25.10
CA VAL B 729 -34.18 -44.86 -25.44
C VAL B 729 -33.94 -43.42 -25.88
N PRO B 730 -33.03 -42.72 -25.17
CA PRO B 730 -32.72 -41.33 -25.53
C PRO B 730 -32.02 -41.27 -26.88
N GLU B 731 -32.47 -40.37 -27.74
CA GLU B 731 -31.85 -40.19 -29.05
C GLU B 731 -31.69 -38.71 -29.38
N ILE B 732 -30.62 -38.39 -30.10
CA ILE B 732 -30.38 -37.02 -30.54
C ILE B 732 -30.79 -36.89 -31.99
N ARG B 733 -31.86 -36.15 -32.25
CA ARG B 733 -32.41 -36.04 -33.59
C ARG B 733 -32.20 -34.65 -34.18
N ARG B 734 -32.70 -34.45 -35.40
CA ARG B 734 -32.40 -33.24 -36.17
C ARG B 734 -32.93 -31.96 -35.52
N ASP B 735 -34.13 -32.01 -34.96
CA ASP B 735 -34.73 -30.82 -34.37
C ASP B 735 -34.06 -30.43 -33.04
N HIS B 736 -33.19 -31.30 -32.53
CA HIS B 736 -32.35 -30.95 -31.39
C HIS B 736 -31.27 -29.99 -31.84
N PHE B 737 -30.60 -30.33 -32.94
CA PHE B 737 -29.59 -29.47 -33.53
C PHE B 737 -30.21 -28.19 -34.07
N GLU B 738 -31.38 -28.33 -34.70
CA GLU B 738 -32.13 -27.20 -35.24
C GLU B 738 -32.40 -26.16 -34.16
N GLU B 739 -32.78 -26.63 -32.98
CA GLU B 739 -33.06 -25.76 -31.84
C GLU B 739 -31.79 -25.27 -31.17
N ALA B 740 -30.73 -26.08 -31.23
CA ALA B 740 -29.49 -25.77 -30.54
C ALA B 740 -28.61 -24.80 -31.32
N MET B 741 -29.07 -24.40 -32.51
CA MET B 741 -28.29 -23.54 -33.39
C MET B 741 -28.40 -22.06 -33.01
N ARG B 742 -29.34 -21.73 -32.13
CA ARG B 742 -29.58 -20.35 -31.72
C ARG B 742 -28.40 -19.70 -30.99
N PHE B 743 -27.89 -20.38 -29.95
CA PHE B 743 -26.91 -19.77 -29.05
C PHE B 743 -25.69 -19.23 -29.78
N ALA B 744 -25.16 -18.13 -29.27
CA ALA B 744 -24.57 -17.09 -30.11
C ALA B 744 -23.18 -16.63 -29.65
N ARG B 745 -22.48 -15.83 -30.47
CA ARG B 745 -22.74 -15.69 -31.91
C ARG B 745 -21.41 -15.79 -32.65
N ARG B 746 -20.62 -14.73 -32.50
CA ARG B 746 -19.21 -14.68 -32.90
C ARG B 746 -18.82 -15.27 -34.27
N SER B 747 -19.15 -14.54 -35.33
CA SER B 747 -18.80 -14.95 -36.69
C SER B 747 -17.84 -13.94 -37.35
N VAL B 748 -17.15 -14.40 -38.39
CA VAL B 748 -16.18 -13.58 -39.11
C VAL B 748 -16.79 -13.01 -40.39
N SER B 749 -16.35 -11.81 -40.77
CA SER B 749 -16.81 -11.19 -42.01
C SER B 749 -16.22 -11.91 -43.21
N ASP B 750 -17.00 -12.00 -44.28
CA ASP B 750 -16.53 -12.60 -45.53
C ASP B 750 -15.38 -11.80 -46.12
N ASN B 751 -15.37 -10.50 -45.83
CA ASN B 751 -14.25 -9.63 -46.18
C ASN B 751 -12.95 -10.16 -45.58
N ASP B 752 -13.01 -10.47 -44.29
CA ASP B 752 -11.84 -10.96 -43.55
C ASP B 752 -11.19 -12.15 -44.23
N ILE B 753 -12.02 -13.14 -44.61
CA ILE B 753 -11.53 -14.36 -45.25
C ILE B 753 -10.55 -14.08 -46.38
N ARG B 754 -10.87 -13.08 -47.20
CA ARG B 754 -9.98 -12.65 -48.27
C ARG B 754 -8.66 -12.13 -47.72
N LYS B 755 -8.75 -11.31 -46.67
CA LYS B 755 -7.56 -10.75 -46.02
C LYS B 755 -6.63 -11.85 -45.50
N TYR B 756 -7.21 -12.97 -45.07
CA TYR B 756 -6.44 -14.11 -44.60
C TYR B 756 -5.78 -14.82 -45.78
N GLU B 757 -6.55 -15.01 -46.85
CA GLU B 757 -6.06 -15.62 -48.07
C GLU B 757 -5.00 -14.74 -48.75
N MET B 758 -5.24 -13.44 -48.73
CA MET B 758 -4.36 -12.46 -49.36
C MET B 758 -3.19 -12.11 -48.45
N PHE B 759 -3.13 -12.71 -47.27
CA PHE B 759 -2.07 -12.40 -46.32
C PHE B 759 -0.68 -12.58 -46.88
N ALA B 760 -0.34 -13.82 -47.26
CA ALA B 760 1.01 -14.16 -47.66
C ALA B 760 1.48 -13.26 -48.80
N GLN B 761 2.58 -12.55 -48.54
CA GLN B 761 3.07 -11.46 -49.36
C GLN B 761 4.20 -10.77 -48.59
PB ADP C . 10.96 -1.09 -6.43
O1B ADP C . 12.38 -1.01 -5.94
O2B ADP C . 9.95 -1.46 -5.38
O3B ADP C . 10.78 -1.86 -7.71
PA ADP C . 10.40 1.58 -5.71
O1A ADP C . 11.02 2.85 -6.23
O2A ADP C . 10.89 1.00 -4.39
O3A ADP C . 10.61 0.44 -6.82
O5' ADP C . 8.81 1.82 -5.62
C5' ADP C . 8.07 2.14 -6.80
C4' ADP C . 6.75 2.79 -6.42
O4' ADP C . 5.89 1.84 -5.79
C3' ADP C . 6.93 3.95 -5.44
O3' ADP C . 6.66 5.19 -6.09
C2' ADP C . 5.92 3.70 -4.33
O2' ADP C . 4.95 4.76 -4.30
C1' ADP C . 5.22 2.39 -4.66
N9 ADP C . 5.36 1.43 -3.53
C8 ADP C . 6.06 0.28 -3.59
N7 ADP C . 6.00 -0.38 -2.41
C5 ADP C . 5.25 0.35 -1.57
C6 ADP C . 4.79 0.21 -0.17
N6 ADP C . 5.15 -0.87 0.56
N1 ADP C . 4.01 1.19 0.33
C2 ADP C . 3.66 2.26 -0.41
N3 ADP C . 4.05 2.46 -1.68
C4 ADP C . 4.83 1.54 -2.32
PB ADP D . -8.07 -21.76 -31.88
O1B ADP D . -6.66 -21.48 -31.39
O2B ADP D . -8.16 -22.69 -33.07
O3B ADP D . -8.94 -20.53 -32.01
PA ADP D . -8.38 -24.12 -30.34
O1A ADP D . -8.05 -24.23 -28.88
O2A ADP D . -7.37 -24.61 -31.36
O3A ADP D . -8.71 -22.58 -30.64
O5' ADP D . -9.77 -24.90 -30.56
C5' ADP D . -10.97 -24.40 -29.98
C4' ADP D . -11.98 -25.54 -29.83
O4' ADP D . -12.58 -25.84 -31.09
C3' ADP D . -11.32 -26.81 -29.32
O3' ADP D . -11.80 -27.12 -28.00
C2' ADP D . -11.71 -27.90 -30.30
O2' ADP D . -12.48 -28.91 -29.64
C1' ADP D . -12.54 -27.23 -31.38
N9 ADP D . -11.90 -27.41 -32.71
C8 ADP D . -11.28 -26.43 -33.38
N7 ADP D . -10.79 -26.88 -34.57
C5 ADP D . -11.10 -28.19 -34.65
C6 ADP D . -10.87 -29.26 -35.65
N6 ADP D . -10.20 -29.02 -36.80
N1 ADP D . -11.35 -30.49 -35.36
C2 ADP D . -12.02 -30.73 -34.22
N3 ADP D . -12.26 -29.81 -33.27
C4 ADP D . -11.83 -28.53 -33.42
#